data_6X9J
#
_entry.id   6X9J
#
_cell.length_a   160.058
_cell.length_b   77.765
_cell.length_c   116.720
_cell.angle_alpha   90.000
_cell.angle_beta   125.353
_cell.angle_gamma   90.000
#
_symmetry.space_group_name_H-M   'C 1 2 1'
#
loop_
_entity.id
_entity.type
_entity.pdbx_description
1 polymer 'DNA (cytosine-5)-methyltransferase 1'
2 polymer "DNA (5'-D(*GP*AP*GP*GP*CP*(5CM)P*GP*CP*CP*TP*GP*C)-3')"
3 polymer "DNA (5'-D(*GP*CP*AP*GP*G)-R(P*(PYO))-D(P*GP*GP*CP*CP*TP*C)-3')"
4 non-polymer 'ZINC ION'
5 non-polymer 1,2-ETHANEDIOL
6 non-polymer N-(4-{[(3,5-dicyano-4-ethyl-6-{methyl[2-(methylamino)ethyl]amino}pyridin-2-yl)sulfanyl]methyl}phenyl)-N-methylmethanesulfonamide
7 water water
#
loop_
_entity_poly.entity_id
_entity_poly.type
_entity_poly.pdbx_seq_one_letter_code
_entity_poly.pdbx_strand_id
1 'polypeptide(L)'
;HMNRISWVGEAVKTDGKKSYYKKVCIDAETLEVGDCVSVIPDDSSKPLYLARVTALWEDSSNGQMFHAHWFCAGTDTVLG
ATSDPLELFLVDECEDMQLSYIHSKVKVIYKAPSENWAMEGGMDPESLLEGDDGKTYFYQLWYDQDYARFESPPKTQPTE
DNKFKFCVSCARLAEMRQKEIPRVLEQLEDLDSRVLYYSATKNGILYRVGDGVYLPPEAFTFNIKLSSPVKRPRKEPVDE
DLYPEHYRKYSDYIKGSNLDAPEPYRIGRIKEIFCPKKSNGRPNETDIKIRVNKFYRPENTHKSTPASYHADINLLYWSD
EEAVVDFKAVQGRCTVEYGEDLPECVQVYSMGGPNRFYFLEAYNAKSKSFEDPPNHARSPGNKGKGKGKGKGKPKSQACE
PSEPEIEIKLPKLRTLDVFSGCGGLSEGFHQAGISDTLWAIEMWDPAAQAFRLNNPGSTVFTEDCNILLKLVMAGETTNS
RGQRLPQKGDVEMLCGGPPCQGFSGMNRFNSRTYSKFKNSLVVSFLSYCDYYRPRFFLLENVRNFVSFKRSMVLKLTLRC
LVRMGYQCTFGVLQAGQYGVAQTRRRAIILAAAPGEKLPLFPEPLHVFAPRACQLSVVVDDKKFVSNITRLSSGPFRTIT
VRDTMSDLPEVRNGASALEISYNGEPQSWFQRQLRGAQYQPILRDHICKDMSALVAARMRHIPLAPGSDWRDLPNIEVRL
SDGTMARKLRYTHHDRKNGRSSSGALRGVCSCVEAGKACDPAARQFNTLIPWCLPHTGNRHNHWAGLYGRLEWDGFFSTT
VTNPEPMGKQGRVLHPEQHRVVSVRECARSQGFPDTYRLFGNILDKHRQVGNAVPPPLAKAIGLEIKLCMLAKA
;
A
2 'polydeoxyribonucleotide' (DG)(DA)(DG)(DG)(DC)(5CM)(DG)(DC)(DC)(DT)(DG)(DC) C
3 'polydeoxyribonucleotide' (DG)(DC)(DA)(DG)(DG)(PYO)(DG)(DG)(DC)(DC)(DT)(DC) D
#
loop_
_chem_comp.id
_chem_comp.type
_chem_comp.name
_chem_comp.formula
5CM DNA linking 5-METHYL-2'-DEOXY-CYTIDINE-5'-MONOPHOSPHATE 'C10 H16 N3 O7 P'
DA DNA linking 2'-DEOXYADENOSINE-5'-MONOPHOSPHATE 'C10 H14 N5 O6 P'
DC DNA linking 2'-DEOXYCYTIDINE-5'-MONOPHOSPHATE 'C9 H14 N3 O7 P'
DG DNA linking 2'-DEOXYGUANOSINE-5'-MONOPHOSPHATE 'C10 H14 N5 O7 P'
DT DNA linking THYMIDINE-5'-MONOPHOSPHATE 'C10 H15 N2 O8 P'
EDO non-polymer 1,2-ETHANEDIOL 'C2 H6 O2'
PYO RNA linking 1-(BETA-D-RIBOFURANOSYL)-PYRIMIDIN-2-ONE-5'-PHOSPHATE 'C9 H13 N2 O8 P'
X52 non-polymer N-(4-{[(3,5-dicyano-4-ethyl-6-{methyl[2-(methylamino)ethyl]amino}pyridin-2-yl)sulfanyl]methyl}phenyl)-N-methylmethanesulfonamide 'C22 H28 N6 O2 S2'
ZN non-polymer 'ZINC ION' 'Zn 2'
#
# COMPACT_ATOMS: atom_id res chain seq x y z
N ASN A 3 -5.62 30.08 -51.75
CA ASN A 3 -6.08 29.21 -50.67
C ASN A 3 -4.90 28.46 -50.07
N ARG A 4 -5.14 27.64 -49.06
CA ARG A 4 -4.07 26.97 -48.35
C ARG A 4 -4.21 25.47 -48.27
N ILE A 5 -5.43 24.95 -48.14
CA ILE A 5 -5.66 23.53 -47.90
C ILE A 5 -6.49 22.97 -49.05
N SER A 6 -6.04 21.83 -49.59
CA SER A 6 -6.73 21.21 -50.71
C SER A 6 -6.58 19.69 -50.63
N TRP A 7 -7.67 18.97 -50.81
CA TRP A 7 -7.61 17.50 -50.73
C TRP A 7 -6.83 16.93 -51.91
N VAL A 8 -6.21 15.79 -51.67
CA VAL A 8 -5.39 15.10 -52.67
C VAL A 8 -6.11 13.81 -53.02
N GLY A 9 -6.75 13.79 -54.19
CA GLY A 9 -7.51 12.65 -54.64
C GLY A 9 -9.00 12.84 -54.40
N GLU A 10 -9.73 11.76 -54.66
CA GLU A 10 -11.16 11.73 -54.38
C GLU A 10 -11.40 11.14 -53.00
N ALA A 11 -12.65 11.23 -52.55
CA ALA A 11 -13.00 10.69 -51.25
C ALA A 11 -13.01 9.16 -51.29
N VAL A 12 -12.81 8.56 -50.13
CA VAL A 12 -12.81 7.11 -50.00
C VAL A 12 -14.08 6.59 -49.34
N LYS A 13 -14.74 7.41 -48.51
CA LYS A 13 -15.97 7.01 -47.86
C LYS A 13 -16.77 8.25 -47.52
N THR A 14 -18.10 8.13 -47.57
CA THR A 14 -19.00 9.22 -47.23
C THR A 14 -19.93 8.70 -46.13
N ASP A 15 -19.51 8.94 -44.88
CA ASP A 15 -20.25 8.46 -43.71
C ASP A 15 -21.13 9.60 -43.22
N GLY A 16 -22.23 9.81 -43.93
CA GLY A 16 -23.14 10.89 -43.60
C GLY A 16 -22.61 12.25 -44.00
N LYS A 17 -22.45 13.15 -43.03
CA LYS A 17 -21.96 14.50 -43.30
C LYS A 17 -20.45 14.58 -43.37
N LYS A 18 -19.76 13.43 -43.41
CA LYS A 18 -18.31 13.38 -43.43
C LYS A 18 -17.84 12.67 -44.70
N SER A 19 -16.87 13.26 -45.39
CA SER A 19 -16.28 12.70 -46.59
C SER A 19 -14.79 12.51 -46.34
N TYR A 20 -14.35 11.27 -46.24
CA TYR A 20 -12.98 10.96 -45.82
C TYR A 20 -12.03 10.98 -47.01
N TYR A 21 -10.82 11.48 -46.78
CA TYR A 21 -9.76 11.50 -47.78
C TYR A 21 -8.52 10.82 -47.21
N LYS A 22 -7.63 10.38 -48.11
CA LYS A 22 -6.40 9.72 -47.71
C LYS A 22 -5.21 10.67 -47.68
N LYS A 23 -5.27 11.81 -48.36
CA LYS A 23 -4.17 12.75 -48.36
C LYS A 23 -4.71 14.16 -48.51
N VAL A 24 -4.02 15.11 -47.88
CA VAL A 24 -4.37 16.52 -48.00
C VAL A 24 -3.09 17.30 -48.21
N CYS A 25 -3.22 18.48 -48.83
CA CYS A 25 -2.08 19.35 -49.10
C CYS A 25 -2.32 20.66 -48.37
N ILE A 26 -1.42 20.99 -47.44
CA ILE A 26 -1.37 22.29 -46.81
C ILE A 26 -0.10 22.92 -47.35
N ASP A 27 0.06 24.24 -47.15
CA ASP A 27 0.71 25.10 -48.14
C ASP A 27 1.83 24.44 -48.96
N ALA A 28 2.87 23.95 -48.31
CA ALA A 28 3.98 23.32 -49.02
C ALA A 28 4.22 21.88 -48.59
N GLU A 29 3.38 21.34 -47.72
CA GLU A 29 3.50 19.97 -47.24
C GLU A 29 2.31 19.14 -47.65
N THR A 30 2.55 17.83 -47.71
CA THR A 30 1.52 16.82 -47.91
C THR A 30 1.34 16.06 -46.61
N LEU A 31 0.09 15.68 -46.31
CA LEU A 31 -0.24 14.96 -45.09
C LEU A 31 -1.06 13.72 -45.42
N GLU A 32 -0.69 12.62 -44.79
CA GLU A 32 -1.36 11.34 -44.93
C GLU A 32 -1.72 10.82 -43.55
N VAL A 33 -2.69 9.91 -43.50
CA VAL A 33 -3.02 9.23 -42.26
C VAL A 33 -1.77 8.52 -41.75
N GLY A 34 -1.45 8.73 -40.48
CA GLY A 34 -0.26 8.19 -39.87
C GLY A 34 0.84 9.21 -39.64
N ASP A 35 0.81 10.32 -40.35
CA ASP A 35 1.80 11.38 -40.17
C ASP A 35 1.64 12.03 -38.80
N CYS A 36 2.73 12.60 -38.30
CA CYS A 36 2.75 13.33 -37.04
C CYS A 36 2.86 14.82 -37.30
N VAL A 37 2.16 15.61 -36.47
CA VAL A 37 2.04 17.04 -36.67
C VAL A 37 2.11 17.74 -35.32
N SER A 38 2.41 19.04 -35.38
CA SER A 38 2.31 19.92 -34.23
C SER A 38 1.10 20.84 -34.40
N VAL A 39 0.56 21.28 -33.28
CA VAL A 39 -0.62 22.14 -33.24
C VAL A 39 -0.37 23.22 -32.21
N ILE A 40 -0.63 24.48 -32.57
CA ILE A 40 -0.40 25.56 -31.62
C ILE A 40 -1.50 25.53 -30.56
N PRO A 41 -1.18 25.85 -29.30
CA PRO A 41 -2.24 25.98 -28.30
C PRO A 41 -3.00 27.29 -28.47
N ASP A 42 -3.91 27.58 -27.55
CA ASP A 42 -4.73 28.79 -27.69
C ASP A 42 -3.97 30.03 -27.24
N ASP A 43 -3.05 29.90 -26.29
CA ASP A 43 -2.11 30.95 -25.95
C ASP A 43 -0.71 30.51 -26.37
N SER A 44 -0.01 31.36 -27.13
CA SER A 44 1.30 30.96 -27.64
C SER A 44 2.37 30.92 -26.56
N SER A 45 2.02 31.15 -25.30
CA SER A 45 2.97 30.91 -24.21
C SER A 45 3.21 29.43 -24.01
N LYS A 46 2.13 28.63 -24.04
CA LYS A 46 2.27 27.19 -23.89
C LYS A 46 2.95 26.60 -25.11
N PRO A 47 3.75 25.54 -24.92
CA PRO A 47 4.43 24.92 -26.07
C PRO A 47 3.49 24.26 -27.04
N LEU A 48 4.03 23.70 -28.13
CA LEU A 48 3.22 23.05 -29.14
C LEU A 48 2.66 21.74 -28.61
N TYR A 49 1.45 21.41 -29.06
CA TYR A 49 0.94 20.05 -28.92
C TYR A 49 1.45 19.21 -30.08
N LEU A 50 1.63 17.91 -29.84
CA LEU A 50 2.07 16.99 -30.85
C LEU A 50 1.06 15.85 -30.97
N ALA A 51 0.74 15.45 -32.19
CA ALA A 51 -0.24 14.39 -32.35
C ALA A 51 0.07 13.57 -33.59
N ARG A 52 -0.52 12.38 -33.64
CA ARG A 52 -0.54 11.60 -34.86
C ARG A 52 -1.90 11.78 -35.54
N VAL A 53 -1.87 11.90 -36.86
CA VAL A 53 -3.09 12.05 -37.64
C VAL A 53 -3.66 10.65 -37.90
N THR A 54 -4.91 10.43 -37.49
CA THR A 54 -5.55 9.13 -37.69
C THR A 54 -6.64 9.14 -38.74
N ALA A 55 -7.10 10.32 -39.19
CA ALA A 55 -8.18 10.38 -40.16
C ALA A 55 -8.25 11.80 -40.72
N LEU A 56 -8.79 11.92 -41.93
CA LEU A 56 -8.92 13.21 -42.62
C LEU A 56 -10.27 13.24 -43.33
N TRP A 57 -11.04 14.30 -43.10
CA TRP A 57 -12.35 14.34 -43.74
C TRP A 57 -12.84 15.78 -43.88
N GLU A 58 -13.62 16.00 -44.94
CA GLU A 58 -14.41 17.20 -45.09
C GLU A 58 -15.73 17.01 -44.36
N ASP A 59 -16.13 18.01 -43.59
CA ASP A 59 -17.39 17.98 -42.86
C ASP A 59 -18.38 18.92 -43.56
N SER A 60 -19.59 18.41 -43.81
CA SER A 60 -20.56 19.14 -44.63
C SER A 60 -20.84 20.54 -44.12
N SER A 61 -20.62 20.81 -42.84
CA SER A 61 -20.92 22.12 -42.28
C SER A 61 -19.71 22.84 -41.74
N ASN A 62 -18.76 22.13 -41.13
CA ASN A 62 -17.64 22.77 -40.45
C ASN A 62 -16.34 22.76 -41.27
N GLY A 63 -16.26 21.97 -42.33
CA GLY A 63 -15.11 22.06 -43.22
C GLY A 63 -14.05 21.00 -43.02
N GLN A 64 -12.80 21.36 -43.28
CA GLN A 64 -11.71 20.40 -43.31
C GLN A 64 -11.29 19.98 -41.90
N MET A 65 -11.22 18.67 -41.66
CA MET A 65 -11.02 18.13 -40.32
C MET A 65 -10.00 17.00 -40.35
N PHE A 66 -9.44 16.72 -39.18
CA PHE A 66 -8.63 15.52 -38.98
C PHE A 66 -8.84 15.05 -37.54
N HIS A 67 -8.36 13.84 -37.25
CA HIS A 67 -8.43 13.29 -35.90
C HIS A 67 -7.01 13.23 -35.35
N ALA A 68 -6.80 13.89 -34.21
CA ALA A 68 -5.49 13.99 -33.59
C ALA A 68 -5.45 13.07 -32.39
N HIS A 69 -4.50 12.13 -32.40
CA HIS A 69 -4.20 11.29 -31.25
C HIS A 69 -2.97 11.91 -30.59
N TRP A 70 -3.18 12.60 -29.47
CA TRP A 70 -2.14 13.42 -28.87
C TRP A 70 -1.07 12.54 -28.23
N PHE A 71 0.19 12.97 -28.38
CA PHE A 71 1.28 12.53 -27.53
C PHE A 71 1.31 13.37 -26.25
N CYS A 72 1.87 12.80 -25.20
CA CYS A 72 2.07 13.50 -23.94
C CYS A 72 3.54 13.84 -23.80
N ALA A 73 3.85 15.12 -23.64
CA ALA A 73 5.23 15.53 -23.43
C ALA A 73 5.74 14.98 -22.10
N GLY A 74 6.98 14.48 -22.11
CA GLY A 74 7.57 13.95 -20.88
C GLY A 74 7.45 14.92 -19.72
N THR A 75 7.66 16.21 -19.99
CA THR A 75 7.56 17.20 -18.92
C THR A 75 6.15 17.32 -18.35
N ASP A 76 5.13 16.84 -19.08
CA ASP A 76 3.77 16.82 -18.58
C ASP A 76 3.44 15.56 -17.79
N THR A 77 4.38 14.63 -17.65
CA THR A 77 4.20 13.47 -16.80
C THR A 77 4.70 13.80 -15.39
N VAL A 78 4.72 12.79 -14.51
CA VAL A 78 5.27 12.98 -13.18
C VAL A 78 6.75 13.34 -13.23
N LEU A 79 7.43 12.95 -14.30
CA LEU A 79 8.86 13.24 -14.44
C LEU A 79 9.14 14.75 -14.48
N GLY A 80 8.18 15.53 -14.97
CA GLY A 80 8.39 16.96 -15.10
C GLY A 80 9.67 17.29 -15.82
N ALA A 81 10.38 18.29 -15.32
CA ALA A 81 11.59 18.75 -15.99
C ALA A 81 12.74 17.77 -15.87
N THR A 82 12.59 16.64 -15.18
CA THR A 82 13.65 15.63 -15.27
C THR A 82 13.57 14.85 -16.57
N SER A 83 12.47 14.98 -17.30
CA SER A 83 12.28 14.19 -18.51
C SER A 83 13.31 14.55 -19.57
N ASP A 84 13.65 13.57 -20.39
CA ASP A 84 14.34 13.83 -21.64
C ASP A 84 13.55 14.88 -22.42
N PRO A 85 14.17 16.01 -22.79
CA PRO A 85 13.40 17.10 -23.42
C PRO A 85 12.67 16.69 -24.69
N LEU A 86 13.11 15.64 -25.38
CA LEU A 86 12.49 15.22 -26.62
C LEU A 86 11.74 13.90 -26.49
N GLU A 87 11.57 13.37 -25.28
CA GLU A 87 10.81 12.14 -25.10
C GLU A 87 9.33 12.46 -24.96
N LEU A 88 8.52 11.73 -25.71
CA LEU A 88 7.06 11.76 -25.63
C LEU A 88 6.57 10.43 -25.10
N PHE A 89 5.33 10.44 -24.62
CA PHE A 89 4.69 9.24 -24.11
C PHE A 89 3.33 9.08 -24.76
N LEU A 90 2.98 7.85 -25.10
CA LEU A 90 1.66 7.57 -25.64
C LEU A 90 0.62 7.69 -24.54
N VAL A 91 -0.53 8.29 -24.87
CA VAL A 91 -1.65 8.42 -23.96
C VAL A 91 -2.94 8.20 -24.73
N ASP A 92 -3.99 7.81 -24.01
CA ASP A 92 -5.32 7.64 -24.59
C ASP A 92 -6.06 8.99 -24.56
N GLU A 93 -5.53 9.92 -25.35
CA GLU A 93 -6.10 11.26 -25.50
C GLU A 93 -6.20 11.59 -26.98
N CYS A 94 -7.38 12.01 -27.41
CA CYS A 94 -7.56 12.27 -28.84
C CYS A 94 -8.80 13.12 -29.03
N GLU A 95 -8.89 13.74 -30.20
CA GLU A 95 -10.05 14.57 -30.52
C GLU A 95 -10.05 14.95 -31.99
N ASP A 96 -11.25 15.29 -32.48
CA ASP A 96 -11.39 15.90 -33.80
C ASP A 96 -10.93 17.35 -33.78
N MET A 97 -10.21 17.76 -34.83
CA MET A 97 -9.60 19.08 -34.91
C MET A 97 -9.70 19.62 -36.32
N GLN A 98 -9.95 20.92 -36.45
CA GLN A 98 -9.89 21.55 -37.76
C GLN A 98 -8.47 21.46 -38.31
N LEU A 99 -8.35 21.19 -39.61
CA LEU A 99 -7.04 21.10 -40.25
C LEU A 99 -6.27 22.42 -40.17
N SER A 100 -6.97 23.54 -39.99
CA SER A 100 -6.31 24.84 -39.91
C SER A 100 -5.54 25.03 -38.61
N TYR A 101 -5.66 24.12 -37.66
CA TYR A 101 -4.89 24.19 -36.42
C TYR A 101 -3.49 23.60 -36.56
N ILE A 102 -3.20 22.92 -37.67
CA ILE A 102 -1.90 22.28 -37.82
C ILE A 102 -0.83 23.33 -38.10
N HIS A 103 0.24 23.29 -37.32
CA HIS A 103 1.36 24.22 -37.48
C HIS A 103 2.45 23.66 -38.36
N SER A 104 2.80 22.39 -38.19
CA SER A 104 3.87 21.78 -38.99
C SER A 104 3.74 20.27 -38.92
N LYS A 105 4.38 19.62 -39.89
CA LYS A 105 4.57 18.17 -39.83
C LYS A 105 5.88 17.88 -39.13
N VAL A 106 5.86 16.87 -38.25
CA VAL A 106 6.98 16.58 -37.36
C VAL A 106 7.33 15.10 -37.46
N LYS A 107 8.62 14.80 -37.27
CA LYS A 107 9.09 13.43 -37.21
C LYS A 107 9.12 12.94 -35.77
N VAL A 108 8.48 11.80 -35.52
CA VAL A 108 8.50 11.14 -34.22
C VAL A 108 8.91 9.69 -34.43
N ILE A 109 9.91 9.24 -33.69
CA ILE A 109 10.46 7.89 -33.83
C ILE A 109 10.03 7.04 -32.64
N TYR A 110 9.68 5.80 -32.90
CA TYR A 110 9.46 4.82 -31.85
C TYR A 110 10.79 4.14 -31.53
N LYS A 111 11.25 4.29 -30.29
CA LYS A 111 12.51 3.72 -29.83
C LYS A 111 12.19 2.42 -29.09
N ALA A 112 12.17 1.32 -29.85
CA ALA A 112 11.85 0.03 -29.24
C ALA A 112 13.08 -0.53 -28.54
N PRO A 113 12.91 -1.19 -27.40
CA PRO A 113 14.04 -1.88 -26.77
C PRO A 113 14.55 -3.00 -27.67
N SER A 114 15.87 -3.17 -27.69
CA SER A 114 16.49 -4.17 -28.53
C SER A 114 16.19 -5.58 -28.01
N GLU A 115 16.42 -6.56 -28.88
CA GLU A 115 16.30 -7.96 -28.47
C GLU A 115 17.32 -8.32 -27.41
N ASN A 116 18.43 -7.57 -27.35
CA ASN A 116 19.49 -7.79 -26.37
C ASN A 116 19.41 -6.79 -25.20
N TRP A 117 18.23 -6.23 -24.95
CA TRP A 117 18.06 -5.18 -23.95
C TRP A 117 18.66 -5.57 -22.60
N ALA A 118 18.44 -6.81 -22.17
CA ALA A 118 18.87 -7.25 -20.84
C ALA A 118 20.38 -7.22 -20.66
N MET A 119 21.15 -7.12 -21.74
CA MET A 119 22.60 -7.06 -21.64
C MET A 119 23.16 -5.68 -21.89
N GLU A 120 22.32 -4.67 -22.11
CA GLU A 120 22.78 -3.34 -22.48
C GLU A 120 23.00 -2.42 -21.28
N GLY A 121 22.97 -2.96 -20.06
CA GLY A 121 23.18 -2.15 -18.88
C GLY A 121 24.64 -1.81 -18.64
N GLY A 122 24.85 -0.83 -17.76
CA GLY A 122 26.18 -0.32 -17.50
C GLY A 122 26.26 1.18 -17.63
N MET A 123 25.10 1.84 -17.69
CA MET A 123 25.05 3.29 -17.68
C MET A 123 25.59 3.82 -16.35
N ASP A 124 26.44 4.84 -16.42
CA ASP A 124 26.93 5.45 -15.21
C ASP A 124 25.83 6.31 -14.58
N PRO A 125 25.95 6.62 -13.29
CA PRO A 125 24.87 7.37 -12.62
C PRO A 125 24.53 8.68 -13.29
N GLU A 126 25.51 9.39 -13.84
CA GLU A 126 25.22 10.64 -14.54
C GLU A 126 24.37 10.38 -15.77
N SER A 127 24.66 9.32 -16.51
CA SER A 127 23.84 8.98 -17.67
C SER A 127 22.42 8.65 -17.24
N LEU A 128 22.27 7.81 -16.21
CA LEU A 128 20.93 7.48 -15.72
C LEU A 128 20.16 8.72 -15.28
N LEU A 129 20.81 9.62 -14.55
CA LEU A 129 20.12 10.75 -13.93
C LEU A 129 19.84 11.87 -14.91
N GLU A 130 20.79 12.19 -15.79
CA GLU A 130 20.73 13.40 -16.60
C GLU A 130 20.89 13.18 -18.10
N GLY A 131 21.16 11.95 -18.55
CA GLY A 131 21.43 11.74 -19.95
C GLY A 131 20.18 11.76 -20.82
N ASP A 132 20.35 12.23 -22.05
CA ASP A 132 19.26 12.34 -23.01
C ASP A 132 19.60 11.55 -24.27
N ASP A 133 18.57 11.33 -25.09
CA ASP A 133 18.71 10.60 -26.35
C ASP A 133 19.17 11.55 -27.46
N GLY A 134 19.44 10.98 -28.63
CA GLY A 134 20.04 11.69 -29.73
C GLY A 134 19.15 12.64 -30.53
N LYS A 135 18.71 13.72 -29.90
CA LYS A 135 18.24 14.93 -30.58
C LYS A 135 17.18 14.65 -31.65
N THR A 136 16.05 14.08 -31.22
CA THR A 136 14.87 13.94 -32.06
C THR A 136 13.71 13.49 -31.17
N TYR A 137 12.49 13.78 -31.63
CA TYR A 137 11.30 13.33 -30.91
C TYR A 137 11.17 11.81 -30.99
N PHE A 138 10.94 11.19 -29.84
CA PHE A 138 10.85 9.74 -29.77
C PHE A 138 9.92 9.35 -28.63
N TYR A 139 9.32 8.17 -28.75
CA TYR A 139 8.59 7.57 -27.65
C TYR A 139 8.99 6.12 -27.51
N GLN A 140 8.90 5.62 -26.28
CA GLN A 140 9.15 4.21 -26.02
C GLN A 140 8.00 3.62 -25.21
N LEU A 141 7.31 4.46 -24.45
CA LEU A 141 6.36 3.99 -23.46
C LEU A 141 5.03 4.72 -23.57
N TRP A 142 3.98 4.03 -23.13
CA TRP A 142 2.65 4.56 -22.89
C TRP A 142 2.53 4.98 -21.42
N TYR A 143 1.67 5.96 -21.15
CA TYR A 143 1.60 6.57 -19.83
C TYR A 143 0.14 6.68 -19.37
N ASP A 144 -0.11 6.23 -18.13
CA ASP A 144 -1.38 6.44 -17.44
C ASP A 144 -1.18 7.62 -16.51
N GLN A 145 -1.91 8.73 -16.79
CA GLN A 145 -1.73 10.01 -16.12
C GLN A 145 -2.33 10.06 -14.73
N ASP A 146 -3.34 9.24 -14.44
CA ASP A 146 -3.92 9.23 -13.10
C ASP A 146 -3.16 8.33 -12.14
N TYR A 147 -2.61 7.23 -12.63
CA TYR A 147 -1.93 6.27 -11.77
C TYR A 147 -0.41 6.38 -11.84
N ALA A 148 0.10 7.28 -12.68
CA ALA A 148 1.54 7.45 -12.92
C ALA A 148 2.19 6.13 -13.31
N ARG A 149 1.66 5.52 -14.36
CA ARG A 149 2.17 4.23 -14.81
C ARG A 149 2.80 4.37 -16.18
N PHE A 150 4.05 3.93 -16.33
CA PHE A 150 4.71 3.84 -17.62
C PHE A 150 4.72 2.38 -18.04
N GLU A 151 4.13 2.07 -19.19
CA GLU A 151 3.99 0.69 -19.62
C GLU A 151 4.37 0.57 -21.09
N SER A 152 4.66 -0.66 -21.52
CA SER A 152 4.98 -0.87 -22.92
C SER A 152 3.77 -0.49 -23.78
N PRO A 153 4.01 -0.02 -25.01
CA PRO A 153 2.88 0.43 -25.85
C PRO A 153 1.90 -0.70 -26.12
N PRO A 154 0.60 -0.42 -26.02
CA PRO A 154 -0.39 -1.45 -26.35
C PRO A 154 -0.36 -1.81 -27.83
N LYS A 155 -0.92 -2.97 -28.15
CA LYS A 155 -0.82 -3.56 -29.47
C LYS A 155 -2.20 -3.88 -30.04
N THR A 156 -3.11 -2.90 -29.99
CA THR A 156 -4.43 -3.08 -30.58
C THR A 156 -4.34 -3.21 -32.09
N GLN A 157 -5.28 -3.95 -32.69
CA GLN A 157 -5.31 -4.20 -34.12
C GLN A 157 -6.60 -3.68 -34.74
N PRO A 158 -6.54 -3.13 -35.95
CA PRO A 158 -7.72 -2.49 -36.54
C PRO A 158 -8.59 -3.43 -37.36
N THR A 159 -9.85 -3.03 -37.49
CA THR A 159 -10.84 -3.75 -38.28
C THR A 159 -10.64 -3.46 -39.78
N GLU A 160 -11.10 -4.41 -40.61
CA GLU A 160 -11.13 -4.18 -42.05
C GLU A 160 -11.86 -2.88 -42.41
N ASP A 161 -12.84 -2.48 -41.59
CA ASP A 161 -13.51 -1.20 -41.77
C ASP A 161 -12.86 -0.07 -41.00
N ASN A 162 -12.04 -0.37 -39.99
CA ASN A 162 -11.39 0.67 -39.20
C ASN A 162 -10.11 1.18 -39.84
N LYS A 163 -9.43 0.35 -40.65
CA LYS A 163 -8.05 0.62 -41.05
C LYS A 163 -7.87 2.03 -41.63
N PHE A 164 -8.84 2.51 -42.41
CA PHE A 164 -8.69 3.80 -43.07
C PHE A 164 -8.83 4.97 -42.10
N LYS A 165 -9.45 4.75 -40.93
CA LYS A 165 -9.67 5.84 -39.98
C LYS A 165 -9.33 5.44 -38.55
N PHE A 166 -8.49 4.42 -38.37
CA PHE A 166 -8.36 3.78 -37.07
C PHE A 166 -7.61 4.66 -36.08
N CYS A 167 -8.18 4.82 -34.89
CA CYS A 167 -7.55 5.53 -33.78
C CYS A 167 -7.48 4.58 -32.60
N VAL A 168 -6.27 4.16 -32.25
CA VAL A 168 -6.07 3.22 -31.14
C VAL A 168 -6.59 3.81 -29.83
N SER A 169 -6.48 5.13 -29.66
CA SER A 169 -7.02 5.76 -28.46
C SER A 169 -8.53 5.64 -28.40
N CYS A 170 -9.21 5.93 -29.51
CA CYS A 170 -10.65 5.75 -29.58
C CYS A 170 -11.04 4.31 -29.26
N ALA A 171 -10.34 3.35 -29.89
CA ALA A 171 -10.68 1.95 -29.67
C ALA A 171 -10.49 1.55 -28.21
N ARG A 172 -9.40 1.96 -27.59
CA ARG A 172 -9.15 1.58 -26.20
C ARG A 172 -10.11 2.27 -25.25
N LEU A 173 -10.49 3.52 -25.53
CA LEU A 173 -11.47 4.18 -24.68
C LEU A 173 -12.83 3.51 -24.80
N ALA A 174 -13.20 3.06 -26.00
CA ALA A 174 -14.43 2.30 -26.16
C ALA A 174 -14.38 0.99 -25.39
N GLU A 175 -13.24 0.30 -25.46
CA GLU A 175 -13.05 -0.92 -24.66
C GLU A 175 -13.23 -0.64 -23.17
N MET A 176 -12.67 0.46 -22.69
CA MET A 176 -12.78 0.78 -21.26
C MET A 176 -14.22 1.09 -20.87
N ARG A 177 -14.93 1.87 -21.68
CA ARG A 177 -16.32 2.19 -21.36
C ARG A 177 -17.19 0.93 -21.35
N GLN A 178 -17.00 0.06 -22.34
CA GLN A 178 -17.78 -1.18 -22.37
C GLN A 178 -17.44 -2.07 -21.18
N LYS A 179 -16.15 -2.13 -20.82
CA LYS A 179 -15.74 -2.92 -19.67
C LYS A 179 -16.35 -2.39 -18.39
N GLU A 180 -16.55 -1.07 -18.30
CA GLU A 180 -17.02 -0.49 -17.04
C GLU A 180 -18.54 -0.41 -16.93
N ILE A 181 -19.28 -0.51 -18.02
CA ILE A 181 -20.74 -0.42 -17.89
C ILE A 181 -21.30 -1.80 -17.51
N PRO A 182 -22.14 -1.89 -16.48
CA PRO A 182 -22.70 -3.19 -16.10
C PRO A 182 -23.65 -3.72 -17.15
N ARG A 183 -23.59 -5.03 -17.37
CA ARG A 183 -24.32 -5.61 -18.50
C ARG A 183 -24.79 -7.02 -18.14
N VAL A 184 -25.93 -7.43 -18.70
CA VAL A 184 -26.39 -8.81 -18.60
C VAL A 184 -25.88 -9.56 -19.81
N LEU A 185 -25.68 -10.87 -19.72
CA LEU A 185 -25.14 -11.63 -20.84
C LEU A 185 -26.09 -12.73 -21.31
N GLU A 186 -26.51 -13.62 -20.43
CA GLU A 186 -27.32 -14.76 -20.81
C GLU A 186 -28.62 -14.76 -20.01
N GLN A 187 -29.74 -14.92 -20.72
CA GLN A 187 -31.05 -14.95 -20.09
C GLN A 187 -31.37 -16.35 -19.58
N LEU A 188 -32.15 -16.41 -18.51
CA LEU A 188 -32.48 -17.67 -17.85
C LEU A 188 -33.96 -18.01 -17.94
N GLU A 189 -34.84 -17.13 -17.47
CA GLU A 189 -36.26 -17.43 -17.45
C GLU A 189 -37.04 -16.13 -17.44
N ASP A 190 -38.20 -16.15 -18.08
CA ASP A 190 -39.04 -14.97 -18.25
C ASP A 190 -40.25 -15.07 -17.33
N LEU A 191 -40.25 -14.27 -16.27
CA LEU A 191 -41.36 -14.23 -15.33
C LEU A 191 -42.27 -13.05 -15.65
N ASP A 192 -43.35 -12.92 -14.87
CA ASP A 192 -44.42 -11.99 -15.22
C ASP A 192 -43.96 -10.54 -15.15
N SER A 193 -43.17 -10.18 -14.14
CA SER A 193 -42.80 -8.79 -13.91
C SER A 193 -41.34 -8.49 -14.19
N ARG A 194 -40.51 -9.48 -14.50
CA ARG A 194 -39.09 -9.25 -14.63
C ARG A 194 -38.45 -10.40 -15.38
N VAL A 195 -37.29 -10.13 -15.96
CA VAL A 195 -36.53 -11.09 -16.75
C VAL A 195 -35.34 -11.53 -15.93
N LEU A 196 -35.20 -12.83 -15.72
CA LEU A 196 -34.11 -13.43 -14.98
C LEU A 196 -32.97 -13.79 -15.92
N TYR A 197 -31.75 -13.69 -15.41
CA TYR A 197 -30.55 -13.95 -16.19
C TYR A 197 -29.66 -14.93 -15.45
N TYR A 198 -28.86 -15.67 -16.20
CA TYR A 198 -27.89 -16.56 -15.59
C TYR A 198 -26.56 -15.86 -15.33
N SER A 199 -26.21 -14.85 -16.13
CA SER A 199 -24.90 -14.23 -15.95
C SER A 199 -24.95 -12.75 -16.29
N ALA A 200 -24.09 -12.01 -15.61
CA ALA A 200 -23.87 -10.60 -15.90
C ALA A 200 -22.38 -10.31 -15.79
N THR A 201 -21.98 -9.14 -16.25
CA THR A 201 -20.59 -8.74 -16.15
C THR A 201 -20.48 -7.28 -15.76
N LYS A 202 -19.37 -6.98 -15.09
CA LYS A 202 -19.15 -5.66 -14.49
C LYS A 202 -17.65 -5.52 -14.24
N ASN A 203 -17.04 -4.48 -14.81
CA ASN A 203 -15.62 -4.19 -14.60
C ASN A 203 -14.74 -5.39 -14.95
N GLY A 204 -15.13 -6.13 -15.99
CA GLY A 204 -14.39 -7.28 -16.42
C GLY A 204 -14.64 -8.55 -15.63
N ILE A 205 -15.48 -8.50 -14.59
CA ILE A 205 -15.76 -9.66 -13.75
C ILE A 205 -17.09 -10.25 -14.18
N LEU A 206 -17.12 -11.58 -14.30
CA LEU A 206 -18.31 -12.34 -14.65
C LEU A 206 -18.99 -12.85 -13.39
N TYR A 207 -20.29 -12.58 -13.25
CA TYR A 207 -21.08 -13.02 -12.11
C TYR A 207 -22.16 -13.97 -12.61
N ARG A 208 -22.23 -15.14 -12.02
CA ARG A 208 -23.25 -16.12 -12.35
C ARG A 208 -24.13 -16.37 -11.13
N VAL A 209 -25.32 -16.91 -11.38
CA VAL A 209 -26.15 -17.39 -10.29
C VAL A 209 -25.35 -18.36 -9.44
N GLY A 210 -25.38 -18.17 -8.13
CA GLY A 210 -24.63 -18.98 -7.21
C GLY A 210 -23.33 -18.36 -6.73
N ASP A 211 -22.77 -17.42 -7.47
CA ASP A 211 -21.52 -16.79 -7.09
C ASP A 211 -21.69 -15.93 -5.84
N GLY A 212 -20.57 -15.67 -5.16
CA GLY A 212 -20.59 -14.74 -4.04
C GLY A 212 -20.27 -13.33 -4.51
N VAL A 213 -20.91 -12.36 -3.87
CA VAL A 213 -20.67 -10.95 -4.17
C VAL A 213 -20.30 -10.21 -2.88
N TYR A 214 -19.37 -9.27 -3.03
CA TYR A 214 -19.05 -8.26 -2.03
C TYR A 214 -19.99 -7.07 -2.23
N LEU A 215 -20.50 -6.53 -1.12
CA LEU A 215 -21.40 -5.39 -1.18
C LEU A 215 -20.98 -4.38 -0.11
N PRO A 216 -21.30 -3.10 -0.31
CA PRO A 216 -20.99 -2.11 0.72
C PRO A 216 -21.72 -2.45 2.00
N PRO A 217 -21.13 -2.08 3.16
CA PRO A 217 -21.86 -2.30 4.42
C PRO A 217 -23.24 -1.68 4.44
N GLU A 218 -23.43 -0.58 3.72
CA GLU A 218 -24.73 0.10 3.65
C GLU A 218 -25.73 -0.62 2.76
N ALA A 219 -25.34 -1.72 2.10
CA ALA A 219 -26.21 -2.35 1.11
C ALA A 219 -27.44 -2.98 1.74
N PHE A 220 -27.27 -3.67 2.87
CA PHE A 220 -28.40 -4.21 3.60
C PHE A 220 -28.06 -4.29 5.07
N THR A 221 -29.11 -4.36 5.90
CA THR A 221 -28.97 -4.61 7.32
C THR A 221 -29.33 -6.06 7.63
N PHE A 222 -29.07 -6.46 8.86
CA PHE A 222 -29.40 -7.80 9.32
C PHE A 222 -30.67 -7.79 10.16
N ASN A 223 -31.20 -8.98 10.42
CA ASN A 223 -32.43 -9.12 11.20
C ASN A 223 -32.32 -8.52 12.60
N ILE A 224 -31.10 -8.27 13.08
CA ILE A 224 -30.87 -8.02 14.49
C ILE A 224 -31.63 -6.79 14.96
N LYS A 225 -32.41 -6.95 16.03
CA LYS A 225 -33.07 -5.86 16.72
C LYS A 225 -32.38 -5.71 18.06
N LEU A 226 -31.53 -4.70 18.18
CA LEU A 226 -30.69 -4.51 19.36
C LEU A 226 -31.04 -3.19 20.04
N SER A 227 -30.66 -3.10 21.30
CA SER A 227 -30.71 -1.82 22.01
C SER A 227 -29.43 -1.04 21.73
N SER A 228 -29.58 0.28 21.57
CA SER A 228 -28.44 1.10 21.17
C SER A 228 -27.41 1.15 22.29
N PRO A 229 -26.12 1.02 21.96
CA PRO A 229 -25.08 1.09 23.00
C PRO A 229 -24.98 2.49 23.60
N VAL A 230 -24.14 2.59 24.64
CA VAL A 230 -23.91 3.85 25.32
C VAL A 230 -22.99 4.73 24.49
N LYS A 231 -22.89 6.00 24.85
CA LYS A 231 -22.08 6.96 24.11
C LYS A 231 -20.64 6.92 24.61
N ARG A 232 -19.83 7.89 24.18
CA ARG A 232 -18.43 7.96 24.56
C ARG A 232 -18.31 8.06 26.09
N PRO A 233 -17.17 7.64 26.65
CA PRO A 233 -17.01 7.67 28.11
C PRO A 233 -17.16 9.08 28.65
N ARG A 234 -18.20 9.29 29.46
CA ARG A 234 -18.45 10.59 30.06
C ARG A 234 -17.24 11.02 30.88
N LYS A 235 -16.55 12.07 30.42
CA LYS A 235 -15.28 12.47 31.02
C LYS A 235 -15.51 13.08 32.39
N GLU A 236 -15.57 12.24 33.41
CA GLU A 236 -15.76 12.71 34.77
C GLU A 236 -14.58 13.56 35.20
N PRO A 237 -14.80 14.54 36.09
CA PRO A 237 -13.68 15.37 36.55
C PRO A 237 -12.66 14.55 37.32
N VAL A 238 -11.45 15.10 37.42
CA VAL A 238 -10.35 14.44 38.10
C VAL A 238 -9.64 15.45 38.99
N ASP A 239 -8.94 14.93 39.99
CA ASP A 239 -8.12 15.74 40.87
C ASP A 239 -6.95 16.32 40.08
N GLU A 240 -7.00 17.63 39.81
CA GLU A 240 -5.96 18.27 39.02
C GLU A 240 -4.65 18.42 39.78
N ASP A 241 -4.69 18.40 41.12
CA ASP A 241 -3.45 18.43 41.88
C ASP A 241 -2.74 17.09 41.84
N LEU A 242 -3.50 16.00 41.87
CA LEU A 242 -2.93 14.67 41.75
C LEU A 242 -2.55 14.35 40.31
N TYR A 243 -3.27 14.92 39.35
CA TYR A 243 -3.02 14.68 37.91
C TYR A 243 -2.83 16.02 37.21
N PRO A 244 -1.67 16.66 37.41
CA PRO A 244 -1.47 18.01 36.86
C PRO A 244 -1.36 18.08 35.34
N GLU A 245 -1.20 16.95 34.66
CA GLU A 245 -1.06 16.94 33.21
C GLU A 245 -2.26 16.35 32.49
N HIS A 246 -3.28 15.89 33.22
CA HIS A 246 -4.45 15.30 32.58
C HIS A 246 -5.17 16.30 31.68
N TYR A 247 -5.13 17.58 32.04
CA TYR A 247 -5.77 18.61 31.23
C TYR A 247 -5.25 18.59 29.80
N ARG A 248 -4.02 18.11 29.59
CA ARG A 248 -3.48 18.08 28.24
C ARG A 248 -4.19 17.08 27.33
N LYS A 249 -5.18 16.35 27.82
CA LYS A 249 -5.87 15.33 27.04
C LYS A 249 -7.24 15.80 26.54
N TYR A 250 -7.36 17.07 26.18
CA TYR A 250 -8.65 17.63 25.76
C TYR A 250 -9.02 17.28 24.33
N SER A 251 -8.22 16.47 23.64
CA SER A 251 -8.45 16.20 22.22
C SER A 251 -9.48 15.12 21.97
N ASP A 252 -9.75 14.24 22.95
CA ASP A 252 -10.76 13.19 22.85
C ASP A 252 -10.44 12.14 21.79
N TYR A 253 -9.30 12.28 21.11
CA TYR A 253 -8.90 11.34 20.06
C TYR A 253 -7.88 10.37 20.63
N ILE A 254 -8.06 9.07 20.34
CA ILE A 254 -7.24 8.01 20.89
C ILE A 254 -6.34 7.47 19.78
N LYS A 255 -5.03 7.67 19.95
CA LYS A 255 -4.06 7.12 19.02
C LYS A 255 -4.09 5.60 19.04
N GLY A 256 -4.16 4.98 17.86
CA GLY A 256 -4.18 3.54 17.77
C GLY A 256 -5.54 2.89 18.01
N SER A 257 -6.63 3.64 17.86
CA SER A 257 -7.98 3.18 18.19
C SER A 257 -8.74 2.79 16.92
N ASN A 258 -9.58 1.77 17.06
CA ASN A 258 -10.32 1.20 15.94
C ASN A 258 -11.79 1.59 15.93
N LEU A 259 -12.18 2.59 16.72
CA LEU A 259 -13.57 3.04 16.73
C LEU A 259 -13.99 3.71 15.43
N ASP A 260 -13.04 4.02 14.55
CA ASP A 260 -13.32 4.70 13.30
C ASP A 260 -13.09 3.83 12.06
N ALA A 261 -12.58 2.61 12.22
CA ALA A 261 -12.41 1.74 11.06
C ALA A 261 -13.77 1.33 10.52
N PRO A 262 -13.95 1.29 9.20
CA PRO A 262 -15.25 0.92 8.63
C PRO A 262 -15.53 -0.56 8.81
N GLU A 263 -16.79 -0.92 8.63
CA GLU A 263 -17.17 -2.32 8.59
C GLU A 263 -16.64 -2.96 7.30
N PRO A 264 -16.28 -4.24 7.34
CA PRO A 264 -15.97 -4.96 6.11
C PRO A 264 -17.22 -5.18 5.27
N TYR A 265 -17.01 -5.70 4.07
CA TYR A 265 -18.09 -5.87 3.11
C TYR A 265 -19.22 -6.73 3.68
N ARG A 266 -20.45 -6.43 3.23
CA ARG A 266 -21.48 -7.45 3.25
C ARG A 266 -21.15 -8.51 2.21
N ILE A 267 -21.53 -9.75 2.50
CA ILE A 267 -21.26 -10.86 1.59
C ILE A 267 -22.57 -11.58 1.31
N GLY A 268 -22.89 -11.72 0.02
CA GLY A 268 -24.12 -12.37 -0.38
C GLY A 268 -23.85 -13.42 -1.45
N ARG A 269 -24.80 -14.34 -1.59
CA ARG A 269 -24.79 -15.29 -2.69
C ARG A 269 -25.90 -14.93 -3.65
N ILE A 270 -25.57 -14.82 -4.93
CA ILE A 270 -26.54 -14.43 -5.95
C ILE A 270 -27.59 -15.52 -6.05
N LYS A 271 -28.82 -15.20 -5.66
CA LYS A 271 -29.96 -16.05 -5.97
C LYS A 271 -30.58 -15.66 -7.30
N GLU A 272 -30.72 -14.37 -7.56
CA GLU A 272 -31.36 -13.88 -8.77
C GLU A 272 -30.55 -12.73 -9.36
N ILE A 273 -30.37 -12.76 -10.68
CA ILE A 273 -29.98 -11.60 -11.46
C ILE A 273 -31.19 -11.24 -12.31
N PHE A 274 -31.70 -10.02 -12.21
CA PHE A 274 -32.93 -9.75 -12.93
C PHE A 274 -33.02 -8.30 -13.35
N CYS A 275 -33.83 -8.09 -14.39
CA CYS A 275 -34.13 -6.79 -14.95
C CYS A 275 -35.64 -6.54 -14.94
N PRO A 276 -36.09 -5.36 -14.50
CA PRO A 276 -37.52 -5.06 -14.59
C PRO A 276 -37.98 -5.10 -16.03
N LYS A 277 -39.13 -5.73 -16.25
CA LYS A 277 -39.73 -5.79 -17.58
C LYS A 277 -40.68 -4.63 -17.74
N LYS A 278 -40.50 -3.86 -18.81
CA LYS A 278 -41.45 -2.83 -19.17
C LYS A 278 -42.82 -3.46 -19.34
N SER A 279 -43.85 -2.62 -19.22
CA SER A 279 -45.22 -3.08 -19.44
C SER A 279 -45.35 -3.69 -20.82
N ASN A 280 -44.32 -3.49 -21.64
CA ASN A 280 -44.31 -3.86 -23.04
C ASN A 280 -43.55 -5.14 -23.35
N GLY A 281 -43.06 -5.84 -22.33
CA GLY A 281 -42.41 -7.12 -22.53
C GLY A 281 -40.90 -7.11 -22.42
N ARG A 282 -40.26 -6.05 -22.90
CA ARG A 282 -38.81 -6.01 -22.95
C ARG A 282 -38.23 -5.68 -21.57
N PRO A 283 -37.08 -6.25 -21.24
CA PRO A 283 -36.45 -5.92 -19.95
C PRO A 283 -35.65 -4.63 -20.03
N ASN A 284 -35.69 -3.85 -18.95
CA ASN A 284 -34.88 -2.63 -18.85
C ASN A 284 -33.48 -3.03 -18.42
N GLU A 285 -32.59 -3.19 -19.41
CA GLU A 285 -31.25 -3.69 -19.17
C GLU A 285 -30.29 -2.59 -18.72
N THR A 286 -30.75 -1.35 -18.57
CA THR A 286 -29.96 -0.31 -17.92
C THR A 286 -30.11 -0.33 -16.41
N ASP A 287 -31.03 -1.15 -15.88
CA ASP A 287 -31.32 -1.21 -14.45
C ASP A 287 -31.26 -2.68 -14.03
N ILE A 288 -30.07 -3.17 -13.75
CA ILE A 288 -29.87 -4.56 -13.37
C ILE A 288 -29.89 -4.67 -11.85
N LYS A 289 -30.68 -5.61 -11.35
CA LYS A 289 -30.81 -5.85 -9.92
C LYS A 289 -30.38 -7.26 -9.56
N ILE A 290 -29.97 -7.44 -8.31
CA ILE A 290 -29.53 -8.73 -7.80
C ILE A 290 -30.30 -9.02 -6.51
N ARG A 291 -30.79 -10.23 -6.39
CA ARG A 291 -31.35 -10.74 -5.14
C ARG A 291 -30.35 -11.74 -4.57
N VAL A 292 -29.92 -11.48 -3.33
CA VAL A 292 -28.94 -12.30 -2.62
C VAL A 292 -29.55 -12.85 -1.35
N ASN A 293 -28.98 -13.97 -0.91
CA ASN A 293 -29.10 -14.44 0.46
C ASN A 293 -27.97 -13.82 1.28
N LYS A 294 -28.32 -13.28 2.45
CA LYS A 294 -27.33 -12.67 3.32
C LYS A 294 -26.46 -13.72 4.00
N PHE A 295 -25.17 -13.45 4.07
CA PHE A 295 -24.26 -14.21 4.92
C PHE A 295 -23.97 -13.42 6.18
N TYR A 296 -23.97 -14.10 7.32
CA TYR A 296 -23.59 -13.51 8.60
C TYR A 296 -22.12 -13.74 8.86
N ARG A 297 -21.38 -12.67 9.19
CA ARG A 297 -20.14 -12.89 9.90
C ARG A 297 -20.45 -13.16 11.36
N PRO A 298 -19.56 -13.84 12.09
CA PRO A 298 -19.79 -14.05 13.53
C PRO A 298 -20.17 -12.78 14.27
N GLU A 299 -19.41 -11.71 14.07
CA GLU A 299 -19.67 -10.46 14.78
C GLU A 299 -20.99 -9.80 14.37
N ASN A 300 -21.65 -10.29 13.31
CA ASN A 300 -22.97 -9.79 12.95
C ASN A 300 -24.10 -10.48 13.72
N THR A 301 -23.82 -11.63 14.34
CA THR A 301 -24.86 -12.37 15.05
C THR A 301 -25.16 -11.69 16.38
N HIS A 302 -26.10 -12.27 17.14
CA HIS A 302 -26.38 -11.75 18.49
C HIS A 302 -25.12 -11.81 19.35
N LYS A 303 -24.26 -12.79 19.12
CA LYS A 303 -22.90 -12.72 19.61
C LYS A 303 -22.19 -11.59 18.88
N SER A 304 -21.83 -10.54 19.61
CA SER A 304 -21.27 -9.33 19.02
C SER A 304 -19.82 -9.56 18.65
N THR A 305 -19.06 -8.48 18.57
CA THR A 305 -17.61 -8.48 18.34
C THR A 305 -16.86 -9.65 18.97
N PRO A 306 -17.11 -10.05 20.23
CA PRO A 306 -16.35 -11.19 20.79
C PRO A 306 -16.39 -12.47 19.97
N ALA A 307 -17.44 -12.69 19.18
CA ALA A 307 -17.49 -13.88 18.33
C ALA A 307 -16.37 -13.91 17.30
N SER A 308 -15.82 -12.75 16.95
CA SER A 308 -14.72 -12.67 16.00
C SER A 308 -13.39 -13.09 16.61
N TYR A 309 -13.29 -13.19 17.94
CA TYR A 309 -11.96 -13.36 18.55
C TYR A 309 -11.32 -14.67 18.12
N HIS A 310 -12.09 -15.76 18.09
CA HIS A 310 -11.55 -17.08 17.80
C HIS A 310 -11.80 -17.55 16.37
N ALA A 311 -12.74 -16.96 15.66
CA ALA A 311 -13.18 -17.50 14.39
C ALA A 311 -12.15 -17.30 13.29
N ASP A 312 -12.14 -18.22 12.32
CA ASP A 312 -11.38 -17.98 11.09
C ASP A 312 -11.81 -16.67 10.47
N ILE A 313 -10.84 -15.98 9.85
CA ILE A 313 -11.09 -14.67 9.27
C ILE A 313 -12.04 -14.75 8.09
N ASN A 314 -12.16 -15.91 7.44
CA ASN A 314 -13.02 -16.08 6.27
C ASN A 314 -14.20 -16.99 6.56
N LEU A 315 -14.55 -17.16 7.84
CA LEU A 315 -15.66 -18.00 8.25
C LEU A 315 -16.97 -17.21 8.21
N LEU A 316 -17.98 -17.79 7.57
CA LEU A 316 -19.30 -17.19 7.47
C LEU A 316 -20.34 -18.19 7.96
N TYR A 317 -21.57 -17.71 8.09
CA TYR A 317 -22.74 -18.54 8.35
C TYR A 317 -23.78 -18.27 7.28
N TRP A 318 -24.37 -19.32 6.72
CA TRP A 318 -25.48 -19.14 5.80
C TRP A 318 -26.68 -18.56 6.52
N SER A 319 -27.41 -17.69 5.82
CA SER A 319 -28.69 -17.18 6.28
C SER A 319 -29.67 -17.22 5.12
N ASP A 320 -30.96 -17.19 5.45
CA ASP A 320 -32.01 -17.18 4.45
C ASP A 320 -32.74 -15.84 4.41
N GLU A 321 -32.25 -14.84 5.13
CA GLU A 321 -32.68 -13.47 4.87
C GLU A 321 -32.26 -13.08 3.45
N GLU A 322 -33.13 -12.34 2.78
CA GLU A 322 -32.88 -11.97 1.40
C GLU A 322 -32.79 -10.46 1.26
N ALA A 323 -32.08 -10.04 0.22
CA ALA A 323 -31.90 -8.62 -0.03
C ALA A 323 -31.86 -8.38 -1.53
N VAL A 324 -32.41 -7.25 -1.95
CA VAL A 324 -32.38 -6.83 -3.34
C VAL A 324 -31.55 -5.55 -3.43
N VAL A 325 -30.49 -5.60 -4.22
CA VAL A 325 -29.59 -4.46 -4.40
C VAL A 325 -29.38 -4.23 -5.88
N ASP A 326 -28.84 -3.06 -6.22
CA ASP A 326 -28.51 -2.78 -7.61
C ASP A 326 -27.20 -3.49 -7.95
N PHE A 327 -27.13 -3.99 -9.19
CA PHE A 327 -25.90 -4.65 -9.65
C PHE A 327 -24.71 -3.70 -9.53
N LYS A 328 -24.93 -2.41 -9.79
CA LYS A 328 -23.82 -1.47 -9.71
C LYS A 328 -23.25 -1.35 -8.30
N ALA A 329 -23.98 -1.82 -7.29
CA ALA A 329 -23.47 -1.80 -5.92
C ALA A 329 -22.42 -2.89 -5.66
N VAL A 330 -22.34 -3.91 -6.51
CA VAL A 330 -21.42 -5.02 -6.27
C VAL A 330 -19.98 -4.50 -6.33
N GLN A 331 -19.19 -4.86 -5.31
CA GLN A 331 -17.81 -4.40 -5.20
C GLN A 331 -16.81 -5.44 -5.67
N GLY A 332 -17.26 -6.61 -6.08
CA GLY A 332 -16.37 -7.67 -6.51
C GLY A 332 -16.99 -9.03 -6.29
N ARG A 333 -16.33 -10.04 -6.85
CA ARG A 333 -16.79 -11.41 -6.76
C ARG A 333 -15.97 -12.15 -5.72
N CYS A 334 -16.61 -13.07 -5.02
CA CYS A 334 -15.93 -13.89 -4.02
C CYS A 334 -16.50 -15.29 -4.07
N THR A 335 -15.68 -16.24 -3.61
CA THR A 335 -16.03 -17.65 -3.57
C THR A 335 -16.45 -17.98 -2.14
N VAL A 336 -17.70 -18.41 -1.98
CA VAL A 336 -18.23 -18.85 -0.70
C VAL A 336 -18.77 -20.26 -0.92
N GLU A 337 -18.11 -21.25 -0.33
CA GLU A 337 -18.44 -22.63 -0.58
C GLU A 337 -18.59 -23.40 0.74
N TYR A 338 -19.48 -24.38 0.72
CA TYR A 338 -19.72 -25.21 1.88
C TYR A 338 -18.46 -25.97 2.27
N GLY A 339 -18.09 -25.88 3.55
CA GLY A 339 -16.85 -26.45 4.04
C GLY A 339 -16.68 -27.93 3.79
N GLU A 340 -17.57 -28.76 4.34
CA GLU A 340 -17.38 -30.20 4.26
C GLU A 340 -17.92 -30.78 2.96
N ASP A 341 -17.61 -30.12 1.84
CA ASP A 341 -17.78 -30.72 0.52
C ASP A 341 -16.66 -30.36 -0.43
N LEU A 342 -15.63 -29.63 0.02
CA LEU A 342 -14.49 -29.33 -0.83
C LEU A 342 -13.51 -30.51 -0.81
N PRO A 343 -12.85 -30.80 -1.92
CA PRO A 343 -11.88 -31.92 -1.91
C PRO A 343 -10.71 -31.68 -0.98
N GLU A 344 -10.08 -30.50 -1.06
CA GLU A 344 -8.95 -30.18 -0.21
C GLU A 344 -9.43 -29.90 1.22
N CYS A 345 -8.48 -29.67 2.11
CA CYS A 345 -8.82 -29.22 3.46
C CYS A 345 -9.01 -27.70 3.46
N VAL A 346 -9.65 -27.22 4.53
CA VAL A 346 -10.05 -25.81 4.59
C VAL A 346 -8.83 -24.89 4.57
N GLN A 347 -7.72 -25.30 5.19
CA GLN A 347 -6.54 -24.44 5.20
C GLN A 347 -5.90 -24.37 3.82
N VAL A 348 -5.74 -25.51 3.15
CA VAL A 348 -5.19 -25.51 1.79
C VAL A 348 -6.08 -24.69 0.86
N TYR A 349 -7.40 -24.83 1.03
CA TYR A 349 -8.34 -24.01 0.28
C TYR A 349 -8.11 -22.52 0.53
N SER A 350 -8.11 -22.11 1.80
CA SER A 350 -7.98 -20.70 2.14
C SER A 350 -6.65 -20.12 1.70
N MET A 351 -5.61 -20.96 1.61
CA MET A 351 -4.31 -20.50 1.15
C MET A 351 -4.12 -20.60 -0.35
N GLY A 352 -5.03 -21.28 -1.05
CA GLY A 352 -4.86 -21.45 -2.49
C GLY A 352 -5.38 -20.35 -3.39
N GLY A 353 -6.04 -19.32 -2.85
CA GLY A 353 -6.58 -18.28 -3.70
C GLY A 353 -7.22 -17.13 -2.95
N PRO A 354 -7.40 -16.01 -3.66
CA PRO A 354 -7.98 -14.82 -3.02
C PRO A 354 -9.50 -14.91 -2.92
N ASN A 355 -10.05 -14.09 -2.01
CA ASN A 355 -11.49 -13.89 -1.87
C ASN A 355 -12.23 -15.20 -1.60
N ARG A 356 -11.65 -16.06 -0.78
CA ARG A 356 -12.21 -17.37 -0.49
C ARG A 356 -12.80 -17.39 0.92
N PHE A 357 -14.09 -17.68 1.00
CA PHE A 357 -14.81 -17.83 2.26
C PHE A 357 -15.44 -19.22 2.32
N TYR A 358 -15.80 -19.63 3.54
CA TYR A 358 -16.43 -20.92 3.71
C TYR A 358 -17.40 -20.82 4.88
N PHE A 359 -18.36 -21.75 4.89
CA PHE A 359 -19.34 -21.85 5.95
C PHE A 359 -19.56 -23.31 6.27
N LEU A 360 -19.60 -23.63 7.57
CA LEU A 360 -19.89 -24.99 8.01
C LEU A 360 -21.31 -25.16 8.52
N GLU A 361 -21.89 -24.13 9.11
CA GLU A 361 -23.25 -24.17 9.63
C GLU A 361 -24.02 -22.98 9.06
N ALA A 362 -25.31 -22.93 9.38
CA ALA A 362 -26.13 -21.77 9.05
C ALA A 362 -26.59 -21.12 10.35
N TYR A 363 -27.20 -19.94 10.22
CA TYR A 363 -27.60 -19.15 11.38
C TYR A 363 -29.08 -18.81 11.25
N ASN A 364 -29.90 -19.52 12.01
CA ASN A 364 -31.29 -19.09 12.22
C ASN A 364 -31.26 -17.94 13.21
N ALA A 365 -31.69 -16.77 12.74
CA ALA A 365 -31.49 -15.53 13.49
C ALA A 365 -32.20 -15.56 14.83
N LYS A 366 -33.53 -15.65 14.80
CA LYS A 366 -34.30 -15.46 16.02
C LYS A 366 -34.63 -16.76 16.74
N SER A 367 -34.22 -17.90 16.18
CA SER A 367 -33.94 -19.07 17.01
C SER A 367 -32.52 -19.00 17.57
N LYS A 368 -31.67 -18.17 16.99
CA LYS A 368 -30.27 -18.01 17.40
C LYS A 368 -29.58 -19.36 17.44
N SER A 369 -29.68 -20.09 16.32
CA SER A 369 -29.22 -21.48 16.29
C SER A 369 -28.47 -21.74 15.00
N PHE A 370 -27.81 -22.91 14.94
CA PHE A 370 -26.90 -23.21 13.85
C PHE A 370 -27.36 -24.44 13.08
N GLU A 371 -26.77 -24.63 11.89
CA GLU A 371 -27.10 -25.69 10.95
C GLU A 371 -28.54 -25.66 10.41
N ASP A 372 -28.84 -24.67 9.54
CA ASP A 372 -30.10 -24.48 8.81
C ASP A 372 -29.91 -24.84 7.33
N PRO A 373 -30.92 -24.74 6.45
CA PRO A 373 -31.07 -25.73 5.35
C PRO A 373 -29.87 -25.78 4.43
N PRO A 374 -29.19 -26.92 4.37
CA PRO A 374 -27.96 -27.02 3.58
C PRO A 374 -28.12 -27.62 2.18
N ASN A 375 -29.31 -28.13 1.83
CA ASN A 375 -29.46 -28.78 0.54
C ASN A 375 -29.30 -27.81 -0.61
N HIS A 376 -29.65 -26.53 -0.41
CA HIS A 376 -29.35 -25.51 -1.41
C HIS A 376 -27.87 -25.46 -1.71
N ALA A 377 -27.04 -25.32 -0.66
CA ALA A 377 -25.62 -25.13 -0.81
C ALA A 377 -24.94 -26.33 -1.47
N ARG A 378 -24.46 -26.14 -2.70
CA ARG A 378 -23.81 -27.22 -3.44
C ARG A 378 -22.32 -26.92 -3.62
N LYS A 409 2.28 -23.79 -11.52
CA LYS A 409 3.58 -24.27 -11.06
C LYS A 409 4.71 -23.61 -11.83
N LEU A 410 4.86 -22.28 -11.67
CA LEU A 410 5.96 -21.61 -12.36
C LEU A 410 7.23 -21.65 -11.51
N PRO A 411 8.39 -21.70 -12.14
CA PRO A 411 9.64 -21.67 -11.38
C PRO A 411 9.82 -20.34 -10.68
N LYS A 412 10.41 -20.38 -9.48
CA LYS A 412 10.63 -19.16 -8.72
C LYS A 412 11.72 -18.31 -9.39
N LEU A 413 11.58 -17.00 -9.26
CA LEU A 413 12.58 -16.08 -9.76
C LEU A 413 13.78 -16.06 -8.83
N ARG A 414 14.98 -16.08 -9.42
CA ARG A 414 16.20 -15.91 -8.64
C ARG A 414 16.31 -14.45 -8.22
N THR A 415 16.34 -14.21 -6.90
CA THR A 415 16.14 -12.88 -6.35
C THR A 415 17.38 -12.41 -5.59
N LEU A 416 17.75 -11.15 -5.85
CA LEU A 416 18.77 -10.43 -5.08
C LEU A 416 18.04 -9.39 -4.22
N ASP A 417 18.23 -9.50 -2.91
CA ASP A 417 17.60 -8.63 -1.92
C ASP A 417 18.69 -7.75 -1.32
N VAL A 418 18.65 -6.45 -1.62
CA VAL A 418 19.67 -5.51 -1.18
C VAL A 418 19.16 -4.75 0.04
N PHE A 419 20.03 -4.51 1.02
CA PHE A 419 19.62 -3.93 2.31
C PHE A 419 18.55 -4.82 2.94
N SER A 420 18.86 -6.11 3.03
CA SER A 420 17.82 -7.11 3.31
C SER A 420 17.34 -7.08 4.75
N GLY A 421 18.15 -6.59 5.68
CA GLY A 421 17.84 -6.80 7.08
C GLY A 421 17.78 -8.29 7.38
N CYS A 422 16.96 -8.65 8.38
CA CYS A 422 16.83 -10.06 8.73
C CYS A 422 16.01 -10.84 7.71
N GLY A 423 15.31 -10.16 6.80
CA GLY A 423 14.67 -10.83 5.68
C GLY A 423 13.16 -10.80 5.57
N GLY A 424 12.51 -9.77 6.14
CA GLY A 424 11.06 -9.71 6.07
C GLY A 424 10.52 -9.66 4.65
N LEU A 425 11.13 -8.83 3.80
CA LEU A 425 10.68 -8.70 2.42
C LEU A 425 10.86 -9.99 1.64
N SER A 426 12.04 -10.61 1.76
CA SER A 426 12.27 -11.90 1.11
C SER A 426 11.32 -12.97 1.65
N GLU A 427 10.97 -12.90 2.94
CA GLU A 427 10.06 -13.90 3.50
C GLU A 427 8.66 -13.76 2.91
N GLY A 428 8.15 -12.53 2.79
CA GLY A 428 6.85 -12.34 2.17
C GLY A 428 6.83 -12.75 0.71
N PHE A 429 7.89 -12.42 -0.04
CA PHE A 429 7.96 -12.88 -1.43
C PHE A 429 7.98 -14.41 -1.52
N HIS A 430 8.75 -15.07 -0.64
CA HIS A 430 8.78 -16.52 -0.65
C HIS A 430 7.41 -17.10 -0.36
N GLN A 431 6.69 -16.51 0.60
CA GLN A 431 5.32 -16.95 0.89
C GLN A 431 4.42 -16.76 -0.30
N ALA A 432 4.65 -15.70 -1.09
CA ALA A 432 3.89 -15.51 -2.32
C ALA A 432 4.24 -16.55 -3.36
N GLY A 433 5.37 -17.21 -3.23
CA GLY A 433 5.73 -18.28 -4.13
C GLY A 433 6.44 -17.86 -5.39
N ILE A 434 6.90 -16.61 -5.46
CA ILE A 434 7.51 -16.08 -6.68
C ILE A 434 9.03 -16.07 -6.67
N SER A 435 9.67 -16.36 -5.54
CA SER A 435 11.08 -16.02 -5.45
C SER A 435 11.85 -17.03 -4.60
N ASP A 436 13.10 -17.22 -4.98
CA ASP A 436 14.14 -17.79 -4.13
C ASP A 436 15.21 -16.70 -4.01
N THR A 437 15.36 -16.14 -2.80
CA THR A 437 16.40 -15.12 -2.62
C THR A 437 17.74 -15.84 -2.53
N LEU A 438 18.46 -15.85 -3.64
CA LEU A 438 19.75 -16.53 -3.67
C LEU A 438 20.89 -15.65 -3.19
N TRP A 439 20.72 -14.34 -3.23
CA TRP A 439 21.75 -13.41 -2.78
C TRP A 439 21.09 -12.31 -1.96
N ALA A 440 21.72 -11.95 -0.86
CA ALA A 440 21.29 -10.84 -0.04
C ALA A 440 22.50 -9.99 0.32
N ILE A 441 22.28 -8.68 0.43
CA ILE A 441 23.32 -7.74 0.85
C ILE A 441 22.85 -7.06 2.11
N GLU A 442 23.58 -7.24 3.21
CA GLU A 442 23.20 -6.67 4.49
C GLU A 442 24.47 -6.33 5.24
N MET A 443 24.71 -5.03 5.44
CA MET A 443 25.96 -4.55 6.01
CA MET A 443 25.96 -4.57 6.01
C MET A 443 26.02 -4.71 7.52
N TRP A 444 24.88 -4.83 8.19
CA TRP A 444 24.86 -4.94 9.65
C TRP A 444 24.87 -6.41 10.02
N ASP A 445 25.96 -6.84 10.66
CA ASP A 445 26.23 -8.26 10.79
C ASP A 445 25.17 -9.05 11.57
N PRO A 446 24.59 -8.56 12.66
CA PRO A 446 23.53 -9.35 13.31
C PRO A 446 22.35 -9.65 12.39
N ALA A 447 21.91 -8.65 11.62
CA ALA A 447 20.81 -8.90 10.69
C ALA A 447 21.25 -9.85 9.57
N ALA A 448 22.50 -9.74 9.13
CA ALA A 448 23.00 -10.68 8.13
C ALA A 448 22.96 -12.11 8.66
N GLN A 449 23.35 -12.30 9.92
CA GLN A 449 23.31 -13.63 10.52
C GLN A 449 21.88 -14.14 10.61
N ALA A 450 20.94 -13.28 11.01
CA ALA A 450 19.54 -13.70 11.07
C ALA A 450 19.04 -14.12 9.68
N PHE A 451 19.40 -13.36 8.65
CA PHE A 451 19.01 -13.75 7.29
C PHE A 451 19.58 -15.13 6.95
N ARG A 452 20.86 -15.35 7.26
CA ARG A 452 21.47 -16.65 7.02
C ARG A 452 20.73 -17.77 7.76
N LEU A 453 20.33 -17.52 9.01
CA LEU A 453 19.67 -18.56 9.80
C LEU A 453 18.35 -18.96 9.17
N ASN A 454 17.63 -18.01 8.61
CA ASN A 454 16.37 -18.32 7.96
C ASN A 454 16.51 -18.76 6.51
N ASN A 455 17.68 -18.57 5.90
CA ASN A 455 17.86 -18.78 4.46
C ASN A 455 19.16 -19.51 4.22
N PRO A 456 19.23 -20.79 4.59
CA PRO A 456 20.52 -21.51 4.54
C PRO A 456 21.12 -21.61 3.14
N GLY A 457 20.29 -21.61 2.10
CA GLY A 457 20.81 -21.67 0.76
C GLY A 457 21.19 -20.34 0.15
N SER A 458 21.08 -19.25 0.91
CA SER A 458 21.37 -17.93 0.39
C SER A 458 22.84 -17.59 0.55
N THR A 459 23.34 -16.75 -0.36
CA THR A 459 24.67 -16.17 -0.27
C THR A 459 24.50 -14.75 0.25
N VAL A 460 24.96 -14.48 1.48
CA VAL A 460 24.73 -13.20 2.14
C VAL A 460 26.03 -12.42 2.17
N PHE A 461 26.03 -11.26 1.51
CA PHE A 461 27.19 -10.39 1.42
C PHE A 461 27.08 -9.29 2.46
N THR A 462 28.14 -9.06 3.23
CA THR A 462 28.10 -8.02 4.23
C THR A 462 28.76 -6.72 3.79
N GLU A 463 29.46 -6.70 2.67
CA GLU A 463 30.19 -5.49 2.35
C GLU A 463 29.27 -4.48 1.66
N ASP A 464 29.82 -3.30 1.40
CA ASP A 464 29.06 -2.22 0.78
C ASP A 464 28.65 -2.59 -0.64
N CYS A 465 27.39 -2.28 -0.98
CA CYS A 465 26.87 -2.68 -2.28
C CYS A 465 27.61 -1.99 -3.42
N ASN A 466 28.16 -0.80 -3.20
CA ASN A 466 28.99 -0.16 -4.22
C ASN A 466 30.25 -0.98 -4.49
N ILE A 467 30.89 -1.46 -3.42
CA ILE A 467 32.07 -2.29 -3.57
C ILE A 467 31.74 -3.54 -4.37
N LEU A 468 30.65 -4.22 -4.00
CA LEU A 468 30.28 -5.43 -4.72
C LEU A 468 30.01 -5.16 -6.19
N LEU A 469 29.24 -4.10 -6.48
CA LEU A 469 28.92 -3.81 -7.88
C LEU A 469 30.17 -3.46 -8.67
N LYS A 470 31.09 -2.69 -8.06
CA LYS A 470 32.32 -2.36 -8.77
C LYS A 470 33.16 -3.60 -9.02
N LEU A 471 33.19 -4.53 -8.07
CA LEU A 471 33.91 -5.78 -8.29
C LEU A 471 33.31 -6.53 -9.48
N VAL A 472 31.99 -6.65 -9.51
CA VAL A 472 31.33 -7.35 -10.61
C VAL A 472 31.64 -6.67 -11.93
N MET A 473 31.50 -5.34 -11.99
CA MET A 473 31.76 -4.60 -13.21
C MET A 473 33.22 -4.69 -13.65
N ALA A 474 34.15 -4.92 -12.73
CA ALA A 474 35.55 -5.11 -13.09
C ALA A 474 35.83 -6.52 -13.59
N GLY A 475 34.84 -7.40 -13.62
CA GLY A 475 35.04 -8.75 -14.07
C GLY A 475 35.39 -9.77 -12.99
N GLU A 476 35.24 -9.41 -11.72
CA GLU A 476 35.52 -10.37 -10.65
C GLU A 476 34.41 -11.40 -10.56
N THR A 477 34.78 -12.61 -10.13
CA THR A 477 33.81 -13.69 -9.96
C THR A 477 33.51 -14.04 -8.51
N THR A 478 34.42 -13.71 -7.59
CA THR A 478 34.20 -13.97 -6.17
C THR A 478 34.64 -12.75 -5.37
N ASN A 479 33.96 -12.51 -4.26
CA ASN A 479 34.35 -11.46 -3.33
C ASN A 479 35.50 -11.96 -2.45
N SER A 480 35.87 -11.17 -1.44
CA SER A 480 37.05 -11.52 -0.66
C SER A 480 36.81 -12.66 0.32
N ARG A 481 35.55 -13.07 0.53
CA ARG A 481 35.20 -14.24 1.32
CA ARG A 481 35.25 -14.25 1.32
C ARG A 481 35.22 -15.53 0.50
N GLY A 482 35.39 -15.43 -0.82
CA GLY A 482 35.26 -16.57 -1.69
C GLY A 482 33.85 -16.84 -2.15
N GLN A 483 32.90 -15.97 -1.83
CA GLN A 483 31.52 -16.15 -2.24
C GLN A 483 31.35 -15.76 -3.71
N ARG A 484 30.56 -16.56 -4.44
CA ARG A 484 30.35 -16.28 -5.86
C ARG A 484 29.46 -15.06 -6.04
N LEU A 485 29.93 -14.11 -6.87
CA LEU A 485 29.19 -12.90 -7.17
C LEU A 485 28.09 -13.18 -8.21
N PRO A 486 26.92 -12.58 -8.07
CA PRO A 486 25.91 -12.69 -9.13
C PRO A 486 26.35 -11.95 -10.39
N GLN A 487 26.06 -12.55 -11.53
CA GLN A 487 26.42 -12.00 -12.84
C GLN A 487 25.17 -11.76 -13.65
N LYS A 488 25.32 -11.00 -14.74
CA LYS A 488 24.18 -10.76 -15.63
C LYS A 488 23.55 -12.07 -16.06
N GLY A 489 22.22 -12.13 -15.97
CA GLY A 489 21.46 -13.32 -16.23
C GLY A 489 21.10 -14.10 -14.98
N ASP A 490 21.90 -14.00 -13.91
CA ASP A 490 21.57 -14.70 -12.67
C ASP A 490 20.41 -14.03 -11.97
N VAL A 491 20.40 -12.71 -11.92
CA VAL A 491 19.45 -11.96 -11.11
C VAL A 491 18.19 -11.72 -11.94
N GLU A 492 17.09 -12.34 -11.52
CA GLU A 492 15.81 -12.20 -12.22
C GLU A 492 14.86 -11.26 -11.51
N MET A 493 14.99 -11.10 -10.19
CA MET A 493 14.23 -10.09 -9.47
C MET A 493 15.16 -9.38 -8.50
N LEU A 494 14.98 -8.07 -8.40
CA LEU A 494 15.79 -7.22 -7.53
C LEU A 494 14.86 -6.46 -6.60
N CYS A 495 15.13 -6.54 -5.29
CA CYS A 495 14.30 -5.80 -4.35
C CYS A 495 15.18 -5.23 -3.25
N GLY A 496 14.67 -4.21 -2.56
CA GLY A 496 15.43 -3.64 -1.46
C GLY A 496 14.84 -2.35 -0.95
N GLY A 497 15.34 -1.93 0.22
CA GLY A 497 15.01 -0.62 0.74
C GLY A 497 16.23 0.19 1.09
N PRO A 498 16.56 1.14 0.23
CA PRO A 498 17.80 1.90 0.41
C PRO A 498 17.61 3.04 1.39
N PRO A 499 18.55 3.22 2.32
CA PRO A 499 18.50 4.36 3.24
C PRO A 499 18.69 5.68 2.51
N CYS A 500 18.13 6.75 3.09
CA CYS A 500 18.10 8.06 2.46
C CYS A 500 18.73 9.17 3.31
N GLN A 501 19.68 8.82 4.18
CA GLN A 501 20.28 9.83 5.03
C GLN A 501 21.02 10.87 4.20
N GLY A 502 20.84 12.14 4.56
CA GLY A 502 21.49 13.24 3.89
C GLY A 502 20.60 13.99 2.91
N PHE A 503 19.52 13.37 2.44
CA PHE A 503 18.59 14.01 1.52
C PHE A 503 17.16 13.65 1.89
N SER A 504 16.87 13.59 3.18
CA SER A 504 15.55 13.23 3.67
C SER A 504 14.72 14.45 4.06
N GLY A 505 15.22 15.64 3.79
CA GLY A 505 14.45 16.84 4.04
C GLY A 505 13.43 17.11 2.97
N MET A 506 12.52 18.03 3.27
CA MET A 506 11.49 18.39 2.30
C MET A 506 11.92 19.53 1.39
N ASN A 507 12.90 20.33 1.81
CA ASN A 507 13.36 21.47 1.02
C ASN A 507 14.11 21.00 -0.23
N ARG A 508 14.23 21.91 -1.20
CA ARG A 508 14.78 21.57 -2.49
C ARG A 508 16.26 21.20 -2.42
N PHE A 509 16.70 20.38 -3.36
CA PHE A 509 18.10 20.04 -3.52
C PHE A 509 18.95 21.32 -3.66
N ASN A 510 20.16 21.27 -3.11
CA ASN A 510 21.23 22.17 -3.52
C ASN A 510 22.37 21.29 -4.05
N SER A 511 23.52 21.91 -4.32
CA SER A 511 24.64 21.17 -4.88
C SER A 511 25.13 20.10 -3.91
N ARG A 512 25.26 20.45 -2.63
CA ARG A 512 25.76 19.51 -1.62
C ARG A 512 24.84 18.30 -1.49
N THR A 513 23.54 18.54 -1.24
CA THR A 513 22.62 17.44 -1.06
C THR A 513 22.41 16.64 -2.34
N TYR A 514 22.48 17.30 -3.50
CA TYR A 514 22.36 16.56 -4.75
C TYR A 514 23.57 15.67 -4.98
N SER A 515 24.76 16.14 -4.61
CA SER A 515 25.93 15.27 -4.68
C SER A 515 25.77 14.07 -3.76
N LYS A 516 25.25 14.30 -2.54
CA LYS A 516 24.97 13.18 -1.64
C LYS A 516 24.00 12.19 -2.29
N PHE A 517 22.98 12.69 -2.97
CA PHE A 517 22.02 11.80 -3.63
C PHE A 517 22.67 11.03 -4.78
N LYS A 518 23.46 11.71 -5.61
CA LYS A 518 24.13 11.04 -6.70
C LYS A 518 25.05 9.92 -6.20
N ASN A 519 25.69 10.12 -5.05
CA ASN A 519 26.52 9.08 -4.45
C ASN A 519 25.79 8.30 -3.37
N SER A 520 24.48 8.14 -3.48
CA SER A 520 23.70 7.52 -2.42
C SER A 520 23.51 6.02 -2.66
N LEU A 521 22.96 5.36 -1.63
CA LEU A 521 22.55 3.97 -1.78
C LEU A 521 21.32 3.83 -2.66
N VAL A 522 20.49 4.87 -2.76
CA VAL A 522 19.36 4.83 -3.69
C VAL A 522 19.88 4.68 -5.11
N VAL A 523 20.83 5.54 -5.49
CA VAL A 523 21.37 5.51 -6.82
C VAL A 523 22.21 4.25 -7.04
N SER A 524 22.90 3.77 -6.00
CA SER A 524 23.60 2.49 -6.10
CA SER A 524 23.59 2.49 -6.12
C SER A 524 22.61 1.36 -6.44
N PHE A 525 21.47 1.34 -5.75
CA PHE A 525 20.45 0.32 -6.00
C PHE A 525 19.90 0.44 -7.42
N LEU A 526 19.71 1.67 -7.90
CA LEU A 526 19.29 1.86 -9.29
C LEU A 526 20.36 1.38 -10.27
N SER A 527 21.64 1.58 -9.93
CA SER A 527 22.72 1.05 -10.76
C SER A 527 22.70 -0.47 -10.80
N TYR A 528 22.36 -1.10 -9.67
CA TYR A 528 22.14 -2.55 -9.68
C TYR A 528 21.06 -2.92 -10.68
N CYS A 529 19.93 -2.20 -10.65
CA CYS A 529 18.86 -2.46 -11.59
C CYS A 529 19.35 -2.28 -13.03
N ASP A 530 20.11 -1.23 -13.29
CA ASP A 530 20.56 -0.96 -14.65
C ASP A 530 21.54 -2.03 -15.13
N TYR A 531 22.42 -2.52 -14.23
CA TYR A 531 23.41 -3.50 -14.63
C TYR A 531 22.78 -4.87 -14.84
N TYR A 532 22.00 -5.35 -13.87
CA TYR A 532 21.49 -6.72 -13.93
C TYR A 532 20.23 -6.84 -14.77
N ARG A 533 19.51 -5.74 -14.99
CA ARG A 533 18.26 -5.69 -15.73
C ARG A 533 17.34 -6.87 -15.41
N PRO A 534 16.89 -6.99 -14.16
CA PRO A 534 15.97 -8.08 -13.79
C PRO A 534 14.62 -7.93 -14.47
N ARG A 535 13.87 -9.03 -14.45
CA ARG A 535 12.50 -9.00 -14.93
C ARG A 535 11.63 -8.06 -14.12
N PHE A 536 11.79 -8.06 -12.80
CA PHE A 536 10.97 -7.23 -11.91
C PHE A 536 11.87 -6.55 -10.87
N PHE A 537 11.45 -5.36 -10.45
CA PHE A 537 12.23 -4.51 -9.55
C PHE A 537 11.28 -3.90 -8.53
N LEU A 538 11.70 -3.91 -7.26
CA LEU A 538 10.91 -3.30 -6.19
C LEU A 538 11.82 -2.48 -5.29
N LEU A 539 11.45 -1.22 -5.10
CA LEU A 539 12.13 -0.36 -4.13
C LEU A 539 11.09 0.06 -3.10
N GLU A 540 11.35 -0.26 -1.83
CA GLU A 540 10.43 0.09 -0.77
C GLU A 540 11.10 1.09 0.16
N ASN A 541 10.31 1.94 0.79
CA ASN A 541 10.90 2.98 1.63
C ASN A 541 9.83 3.57 2.53
N VAL A 542 10.27 4.50 3.39
CA VAL A 542 9.30 5.26 4.18
C VAL A 542 8.37 6.02 3.25
N ARG A 543 7.17 6.32 3.75
CA ARG A 543 6.18 7.01 2.94
C ARG A 543 6.74 8.29 2.33
N ASN A 544 7.49 9.07 3.10
CA ASN A 544 7.92 10.38 2.60
C ASN A 544 9.03 10.28 1.55
N PHE A 545 9.46 9.09 1.15
CA PHE A 545 10.30 8.96 -0.05
C PHE A 545 9.66 9.69 -1.22
N VAL A 546 8.34 9.69 -1.31
CA VAL A 546 7.65 10.35 -2.41
C VAL A 546 7.66 11.87 -2.30
N SER A 547 8.10 12.42 -1.17
N SER A 547 8.10 12.42 -1.17
CA SER A 547 8.10 13.86 -0.96
CA SER A 547 8.10 13.86 -0.96
C SER A 547 9.48 14.45 -0.72
C SER A 547 9.48 14.45 -0.69
N PHE A 548 10.49 13.63 -0.45
CA PHE A 548 11.84 14.14 -0.16
C PHE A 548 12.32 15.10 -1.25
N LYS A 549 12.84 16.25 -0.82
CA LYS A 549 13.42 17.25 -1.71
C LYS A 549 12.44 17.69 -2.80
N ARG A 550 11.24 18.11 -2.37
CA ARG A 550 10.19 18.55 -3.28
C ARG A 550 9.88 17.49 -4.34
N SER A 551 9.86 16.22 -3.90
CA SER A 551 9.57 15.03 -4.72
C SER A 551 10.65 14.74 -5.76
N MET A 552 11.83 15.36 -5.66
CA MET A 552 12.85 15.15 -6.68
C MET A 552 13.53 13.79 -6.55
N VAL A 553 13.62 13.24 -5.33
CA VAL A 553 14.14 11.88 -5.18
C VAL A 553 13.27 10.90 -5.95
N LEU A 554 11.95 11.03 -5.79
CA LEU A 554 11.01 10.16 -6.50
C LEU A 554 11.11 10.37 -8.00
N LYS A 555 11.06 11.63 -8.43
CA LYS A 555 11.08 11.93 -9.86
C LYS A 555 12.35 11.43 -10.52
N LEU A 556 13.50 11.57 -9.84
CA LEU A 556 14.76 11.11 -10.42
C LEU A 556 14.84 9.58 -10.42
N THR A 557 14.30 8.92 -9.40
CA THR A 557 14.23 7.46 -9.41
C THR A 557 13.45 6.96 -10.62
N LEU A 558 12.25 7.51 -10.83
CA LEU A 558 11.44 7.14 -11.97
C LEU A 558 12.13 7.48 -13.28
N ARG A 559 12.83 8.62 -13.32
CA ARG A 559 13.54 9.03 -14.51
C ARG A 559 14.63 8.03 -14.87
N CYS A 560 15.37 7.56 -13.88
CA CYS A 560 16.38 6.53 -14.11
C CYS A 560 15.75 5.27 -14.71
N LEU A 561 14.65 4.80 -14.11
CA LEU A 561 14.03 3.58 -14.62
C LEU A 561 13.56 3.76 -16.07
N VAL A 562 12.92 4.89 -16.36
CA VAL A 562 12.48 5.15 -17.74
C VAL A 562 13.67 5.21 -18.68
N ARG A 563 14.77 5.83 -18.23
CA ARG A 563 15.97 5.93 -19.05
C ARG A 563 16.52 4.55 -19.37
N MET A 564 16.47 3.64 -18.39
CA MET A 564 16.85 2.25 -18.64
C MET A 564 15.90 1.56 -19.59
N GLY A 565 14.68 2.07 -19.73
CA GLY A 565 13.68 1.44 -20.56
C GLY A 565 12.71 0.58 -19.80
N TYR A 566 12.65 0.70 -18.48
CA TYR A 566 11.73 -0.07 -17.66
C TYR A 566 10.33 0.51 -17.70
N GLN A 567 9.34 -0.38 -17.70
CA GLN A 567 8.02 0.03 -17.25
C GLN A 567 8.08 0.26 -15.74
N CYS A 568 7.35 1.25 -15.24
CA CYS A 568 7.47 1.53 -13.82
C CYS A 568 6.29 2.35 -13.32
N THR A 569 6.11 2.33 -12.00
CA THR A 569 5.07 3.10 -11.33
C THR A 569 5.46 3.23 -9.85
N PHE A 570 4.67 4.01 -9.12
CA PHE A 570 4.89 4.23 -7.69
C PHE A 570 3.55 4.36 -6.99
N GLY A 571 3.59 4.17 -5.67
CA GLY A 571 2.40 4.33 -4.86
C GLY A 571 2.75 4.21 -3.39
N VAL A 572 1.74 4.38 -2.54
CA VAL A 572 1.90 4.24 -1.09
C VAL A 572 0.95 3.15 -0.63
N LEU A 573 1.43 2.26 0.25
CA LEU A 573 0.61 1.19 0.79
C LEU A 573 0.59 1.28 2.32
N GLN A 574 -0.50 0.83 2.92
CA GLN A 574 -0.63 0.78 4.37
C GLN A 574 -0.58 -0.68 4.81
N ALA A 575 0.45 -1.03 5.60
CA ALA A 575 0.65 -2.43 5.99
C ALA A 575 -0.58 -3.01 6.69
N GLY A 576 -1.25 -2.21 7.53
CA GLY A 576 -2.42 -2.69 8.24
C GLY A 576 -3.49 -3.23 7.32
N GLN A 577 -3.64 -2.62 6.13
CA GLN A 577 -4.64 -3.09 5.19
C GLN A 577 -4.32 -4.47 4.63
N TYR A 578 -3.15 -5.03 4.94
CA TYR A 578 -2.81 -6.36 4.46
C TYR A 578 -2.62 -7.32 5.62
N GLY A 579 -3.12 -6.97 6.80
CA GLY A 579 -3.29 -8.01 7.80
C GLY A 579 -2.35 -7.99 8.99
N VAL A 580 -1.85 -6.82 9.37
CA VAL A 580 -1.16 -6.71 10.65
C VAL A 580 -1.89 -5.65 11.46
N ALA A 581 -1.77 -5.76 12.79
CA ALA A 581 -2.35 -4.78 13.71
C ALA A 581 -1.38 -3.62 13.93
N GLN A 582 -1.03 -2.93 12.85
CA GLN A 582 0.01 -1.93 12.91
C GLN A 582 -0.21 -0.91 11.80
N THR A 583 -0.05 0.37 12.11
CA THR A 583 -0.05 1.39 11.07
C THR A 583 1.39 1.58 10.59
N ARG A 584 1.63 1.32 9.31
CA ARG A 584 2.96 1.45 8.73
C ARG A 584 2.75 1.70 7.24
N ARG A 585 2.82 2.96 6.83
CA ARG A 585 2.76 3.28 5.42
C ARG A 585 4.15 3.15 4.80
N ARG A 586 4.22 2.60 3.59
CA ARG A 586 5.47 2.49 2.86
CA ARG A 586 5.46 2.48 2.85
C ARG A 586 5.28 3.02 1.45
N ALA A 587 6.30 3.74 0.97
CA ALA A 587 6.38 4.09 -0.44
C ALA A 587 6.91 2.88 -1.21
N ILE A 588 6.32 2.62 -2.38
CA ILE A 588 6.63 1.45 -3.18
C ILE A 588 6.85 1.89 -4.62
N ILE A 589 8.02 1.57 -5.17
CA ILE A 589 8.33 1.75 -6.59
C ILE A 589 8.40 0.36 -7.22
N LEU A 590 7.60 0.14 -8.26
CA LEU A 590 7.60 -1.14 -8.97
C LEU A 590 8.05 -0.91 -10.41
N ALA A 591 8.88 -1.82 -10.91
CA ALA A 591 9.29 -1.75 -12.31
C ALA A 591 9.28 -3.14 -12.91
N ALA A 592 9.06 -3.19 -14.22
CA ALA A 592 9.02 -4.45 -14.96
C ALA A 592 9.69 -4.27 -16.32
N ALA A 593 10.48 -5.27 -16.68
CA ALA A 593 11.25 -5.24 -17.92
C ALA A 593 10.32 -5.15 -19.13
N PRO A 594 10.82 -4.64 -20.25
CA PRO A 594 10.08 -4.78 -21.50
C PRO A 594 9.86 -6.25 -21.78
N GLY A 595 8.65 -6.58 -22.22
CA GLY A 595 8.22 -7.94 -22.37
C GLY A 595 7.37 -8.45 -21.23
N GLU A 596 7.48 -7.83 -20.05
CA GLU A 596 6.67 -8.19 -18.90
C GLU A 596 5.42 -7.34 -18.81
N LYS A 597 4.48 -7.78 -17.99
CA LYS A 597 3.39 -6.94 -17.53
C LYS A 597 3.83 -6.20 -16.27
N LEU A 598 3.53 -4.91 -16.21
CA LEU A 598 3.81 -4.13 -14.99
C LEU A 598 2.79 -4.47 -13.91
N PRO A 599 3.22 -4.90 -12.73
CA PRO A 599 2.25 -5.29 -11.69
C PRO A 599 1.37 -4.14 -11.24
N LEU A 600 0.17 -4.51 -10.78
CA LEU A 600 -0.73 -3.63 -10.07
C LEU A 600 -0.39 -3.59 -8.59
N PHE A 601 -0.80 -2.51 -7.92
CA PHE A 601 -0.73 -2.52 -6.47
C PHE A 601 -1.85 -3.39 -5.89
N PRO A 602 -1.57 -4.12 -4.81
CA PRO A 602 -2.56 -5.07 -4.28
C PRO A 602 -3.75 -4.36 -3.63
N GLU A 603 -4.94 -4.88 -3.90
CA GLU A 603 -6.13 -4.36 -3.25
C GLU A 603 -6.08 -4.64 -1.76
N PRO A 604 -6.42 -3.65 -0.91
CA PRO A 604 -6.55 -3.89 0.52
C PRO A 604 -7.37 -5.13 0.84
N LEU A 605 -6.88 -5.91 1.80
CA LEU A 605 -7.56 -7.09 2.28
C LEU A 605 -8.37 -6.85 3.54
N HIS A 606 -7.89 -5.98 4.43
CA HIS A 606 -8.51 -5.73 5.73
C HIS A 606 -8.92 -4.28 5.83
N VAL A 607 -10.07 -4.03 6.47
CA VAL A 607 -10.44 -2.67 6.81
C VAL A 607 -9.47 -2.15 7.86
N PHE A 608 -9.28 -0.84 7.87
CA PHE A 608 -8.31 -0.23 8.77
C PHE A 608 -8.72 1.22 8.98
N ALA A 609 -8.21 1.82 10.06
CA ALA A 609 -8.61 3.18 10.43
C ALA A 609 -8.35 4.15 9.28
N PRO A 610 -9.38 4.87 8.80
CA PRO A 610 -9.20 5.68 7.58
C PRO A 610 -8.11 6.74 7.68
N ARG A 611 -7.90 7.32 8.86
CA ARG A 611 -6.86 8.33 9.00
C ARG A 611 -5.48 7.77 8.70
N ALA A 612 -5.30 6.47 8.90
CA ALA A 612 -4.02 5.83 8.61
C ALA A 612 -3.90 5.36 7.16
N CYS A 613 -4.91 5.59 6.33
CA CYS A 613 -4.93 5.05 4.97
C CYS A 613 -4.94 6.15 3.92
N GLN A 614 -4.21 7.24 4.18
CA GLN A 614 -4.05 8.31 3.18
C GLN A 614 -2.93 7.89 2.23
N LEU A 615 -3.32 7.41 1.04
CA LEU A 615 -2.38 6.83 0.10
C LEU A 615 -2.05 7.72 -1.09
N SER A 616 -2.71 8.87 -1.25
CA SER A 616 -2.47 9.67 -2.43
C SER A 616 -1.19 10.48 -2.26
N VAL A 617 -0.65 10.95 -3.38
CA VAL A 617 0.62 11.67 -3.38
C VAL A 617 0.52 12.84 -4.35
N VAL A 618 0.88 14.03 -3.92
CA VAL A 618 0.88 15.20 -4.79
C VAL A 618 2.31 15.49 -5.24
N VAL A 619 2.50 15.54 -6.56
CA VAL A 619 3.78 15.87 -7.16
C VAL A 619 3.53 17.02 -8.14
N ASP A 620 4.16 18.15 -7.88
CA ASP A 620 4.07 19.32 -8.75
C ASP A 620 2.61 19.70 -9.00
N ASP A 621 1.83 19.74 -7.91
CA ASP A 621 0.41 20.08 -7.87
C ASP A 621 -0.49 19.02 -8.50
N LYS A 622 0.05 17.91 -8.99
CA LYS A 622 -0.75 16.84 -9.57
C LYS A 622 -0.94 15.72 -8.54
N LYS A 623 -2.19 15.37 -8.27
CA LYS A 623 -2.50 14.32 -7.31
C LYS A 623 -2.52 12.97 -8.03
N PHE A 624 -1.68 12.04 -7.55
CA PHE A 624 -1.60 10.69 -8.07
C PHE A 624 -2.15 9.72 -7.04
N VAL A 625 -2.82 8.68 -7.53
CA VAL A 625 -3.30 7.57 -6.73
C VAL A 625 -2.84 6.29 -7.43
N SER A 626 -2.94 5.17 -6.72
CA SER A 626 -2.69 3.89 -7.37
C SER A 626 -4.00 3.35 -7.94
N ASN A 627 -3.91 2.18 -8.56
CA ASN A 627 -5.08 1.48 -9.09
C ASN A 627 -6.02 0.98 -8.01
N ILE A 628 -5.66 1.08 -6.73
CA ILE A 628 -6.49 0.54 -5.65
C ILE A 628 -7.90 1.12 -5.72
N THR A 629 -8.91 0.25 -5.75
CA THR A 629 -10.30 0.68 -5.79
C THR A 629 -11.05 0.45 -4.49
N ARG A 630 -10.54 -0.37 -3.59
CA ARG A 630 -11.18 -0.59 -2.28
C ARG A 630 -10.77 0.57 -1.37
N LEU A 631 -11.62 1.60 -1.33
CA LEU A 631 -11.30 2.83 -0.62
C LEU A 631 -12.03 2.95 0.71
N SER A 632 -13.18 2.31 0.86
CA SER A 632 -14.01 2.53 2.04
C SER A 632 -14.42 1.25 2.77
N SER A 633 -14.05 0.08 2.25
CA SER A 633 -14.35 -1.18 2.92
C SER A 633 -13.42 -2.24 2.32
N GLY A 634 -13.54 -3.47 2.82
CA GLY A 634 -12.73 -4.55 2.33
C GLY A 634 -13.25 -5.91 2.79
N PRO A 635 -12.62 -6.98 2.31
CA PRO A 635 -13.17 -8.33 2.58
C PRO A 635 -13.08 -8.77 4.02
N PHE A 636 -12.01 -8.43 4.74
CA PHE A 636 -11.78 -9.00 6.06
C PHE A 636 -11.76 -7.93 7.13
N ARG A 637 -12.13 -8.33 8.34
CA ARG A 637 -12.12 -7.44 9.50
C ARG A 637 -10.69 -7.05 9.86
N THR A 638 -10.58 -5.96 10.61
CA THR A 638 -9.26 -5.44 10.96
C THR A 638 -8.61 -6.35 11.99
N ILE A 639 -7.28 -6.46 11.90
CA ILE A 639 -6.50 -7.26 12.84
C ILE A 639 -6.11 -6.38 14.02
N THR A 640 -6.33 -6.87 15.25
CA THR A 640 -6.17 -6.10 16.47
C THR A 640 -4.98 -6.58 17.30
N VAL A 641 -4.66 -5.78 18.32
CA VAL A 641 -3.63 -6.17 19.29
C VAL A 641 -4.02 -7.49 19.97
N ARG A 642 -5.31 -7.67 20.24
CA ARG A 642 -5.78 -8.94 20.79
C ARG A 642 -5.47 -10.09 19.86
N ASP A 643 -5.87 -9.98 18.59
CA ASP A 643 -5.50 -10.98 17.57
C ASP A 643 -4.01 -11.25 17.58
N THR A 644 -3.21 -10.21 17.80
CA THR A 644 -1.76 -10.26 17.64
C THR A 644 -1.08 -10.99 18.78
N MET A 645 -1.51 -10.76 20.02
CA MET A 645 -0.72 -11.29 21.13
C MET A 645 -1.51 -11.75 22.35
N SER A 646 -2.84 -11.95 22.26
CA SER A 646 -3.57 -12.38 23.45
C SER A 646 -3.11 -13.73 23.99
N ASP A 647 -2.42 -14.54 23.16
CA ASP A 647 -2.00 -15.87 23.56
C ASP A 647 -0.65 -15.92 24.26
N LEU A 648 0.06 -14.81 24.36
CA LEU A 648 1.40 -14.91 24.92
C LEU A 648 1.36 -14.87 26.45
N PRO A 649 2.11 -15.72 27.12
CA PRO A 649 2.07 -15.73 28.59
C PRO A 649 2.60 -14.42 29.17
N GLU A 650 2.08 -14.08 30.34
CA GLU A 650 2.55 -12.92 31.07
C GLU A 650 4.03 -13.06 31.38
N VAL A 651 4.78 -11.97 31.18
CA VAL A 651 6.19 -11.89 31.58
C VAL A 651 6.44 -10.53 32.22
N ARG A 652 7.59 -10.41 32.89
CA ARG A 652 7.93 -9.24 33.67
C ARG A 652 8.79 -8.26 32.88
N ASN A 653 8.84 -7.03 33.39
CA ASN A 653 9.86 -6.09 32.94
C ASN A 653 11.23 -6.74 33.00
N GLY A 654 11.96 -6.69 31.89
CA GLY A 654 13.28 -7.30 31.85
C GLY A 654 13.29 -8.80 31.61
N ALA A 655 12.16 -9.39 31.23
CA ALA A 655 12.08 -10.81 30.96
C ALA A 655 13.18 -11.25 30.00
N SER A 656 13.90 -12.30 30.37
CA SER A 656 15.08 -12.68 29.62
C SER A 656 15.12 -14.15 29.21
N ALA A 657 14.14 -14.95 29.63
CA ALA A 657 14.13 -16.36 29.25
C ALA A 657 13.86 -16.49 27.75
N LEU A 658 14.85 -17.01 27.02
CA LEU A 658 14.75 -17.08 25.56
C LEU A 658 13.79 -18.17 25.08
N GLU A 659 13.54 -19.19 25.90
CA GLU A 659 12.71 -20.32 25.50
C GLU A 659 11.75 -20.62 26.63
N ILE A 660 10.45 -20.44 26.40
CA ILE A 660 9.44 -20.64 27.44
C ILE A 660 8.29 -21.44 26.85
N SER A 661 7.33 -21.78 27.71
CA SER A 661 6.11 -22.43 27.30
C SER A 661 5.07 -21.42 26.82
N TYR A 662 4.32 -21.78 25.77
CA TYR A 662 3.18 -20.97 25.34
C TYR A 662 2.04 -21.02 26.35
N ASN A 663 1.93 -22.13 27.10
CA ASN A 663 0.88 -22.39 28.08
C ASN A 663 -0.49 -22.62 27.46
N GLY A 664 -0.58 -22.84 26.16
CA GLY A 664 -1.85 -23.13 25.53
C GLY A 664 -1.80 -22.95 24.04
N GLU A 665 -2.89 -23.37 23.39
CA GLU A 665 -3.02 -23.34 21.95
C GLU A 665 -3.23 -21.91 21.45
N PRO A 666 -3.02 -21.65 20.16
CA PRO A 666 -3.38 -20.34 19.63
C PRO A 666 -4.86 -20.09 19.83
N GLN A 667 -5.22 -18.82 20.00
CA GLN A 667 -6.59 -18.43 20.25
C GLN A 667 -7.26 -17.81 19.04
N SER A 668 -6.57 -16.97 18.31
CA SER A 668 -7.12 -16.27 17.16
C SER A 668 -6.65 -16.88 15.85
N TRP A 669 -7.35 -16.53 14.77
CA TRP A 669 -6.92 -16.95 13.44
C TRP A 669 -5.50 -16.46 13.15
N PHE A 670 -5.21 -15.20 13.51
CA PHE A 670 -3.88 -14.63 13.28
C PHE A 670 -2.80 -15.42 14.01
N GLN A 671 -3.05 -15.76 15.27
CA GLN A 671 -2.10 -16.58 16.02
C GLN A 671 -1.95 -17.96 15.43
N ARG A 672 -3.06 -18.57 14.97
CA ARG A 672 -2.94 -19.87 14.31
C ARG A 672 -2.03 -19.79 13.09
N GLN A 673 -2.20 -18.73 12.28
CA GLN A 673 -1.38 -18.56 11.09
C GLN A 673 0.09 -18.39 11.45
N LEU A 674 0.39 -17.51 12.42
CA LEU A 674 1.79 -17.23 12.72
C LEU A 674 2.47 -18.36 13.48
N ARG A 675 1.73 -19.12 14.29
CA ARG A 675 2.33 -20.28 14.93
C ARG A 675 2.56 -21.41 13.94
N GLY A 676 1.68 -21.56 12.95
CA GLY A 676 1.85 -22.55 11.92
C GLY A 676 1.26 -23.90 12.28
N ALA A 677 1.32 -24.81 11.32
CA ALA A 677 0.63 -26.09 11.45
C ALA A 677 1.34 -27.01 12.44
N GLN A 678 2.66 -27.10 12.34
CA GLN A 678 3.42 -28.01 13.19
C GLN A 678 3.41 -27.53 14.64
N TYR A 679 3.17 -28.45 15.57
CA TYR A 679 3.22 -28.10 16.99
C TYR A 679 4.57 -27.49 17.34
N GLN A 680 4.54 -26.36 18.04
CA GLN A 680 5.76 -25.71 18.52
C GLN A 680 5.83 -25.80 20.03
N PRO A 681 6.71 -26.63 20.60
CA PRO A 681 6.74 -26.76 22.07
C PRO A 681 7.32 -25.54 22.77
N ILE A 682 8.04 -24.68 22.05
CA ILE A 682 8.83 -23.62 22.66
C ILE A 682 8.48 -22.28 22.02
N LEU A 683 8.14 -21.30 22.85
CA LEU A 683 7.99 -19.91 22.44
C LEU A 683 9.32 -19.21 22.65
N ARG A 684 9.85 -18.59 21.59
CA ARG A 684 11.15 -17.96 21.60
C ARG A 684 11.03 -16.44 21.57
N ASP A 685 11.98 -15.79 22.25
CA ASP A 685 12.20 -14.34 22.20
C ASP A 685 11.04 -13.55 22.77
N HIS A 686 10.24 -14.13 23.67
CA HIS A 686 9.26 -13.36 24.43
C HIS A 686 9.98 -12.68 25.60
N ILE A 687 10.90 -11.79 25.23
CA ILE A 687 11.82 -11.14 26.16
C ILE A 687 11.63 -9.64 26.05
N CYS A 688 11.86 -8.94 27.15
CA CYS A 688 11.57 -7.52 27.26
C CYS A 688 12.78 -6.77 27.79
N LYS A 689 12.91 -5.51 27.34
CA LYS A 689 13.96 -4.65 27.87
C LYS A 689 13.79 -4.46 29.37
N ASP A 690 14.92 -4.39 30.07
CA ASP A 690 14.92 -4.19 31.52
C ASP A 690 14.96 -2.70 31.80
N MET A 691 13.77 -2.10 31.95
CA MET A 691 13.69 -0.66 32.20
C MET A 691 14.11 -0.35 33.63
N SER A 692 14.56 0.89 33.83
CA SER A 692 15.04 1.35 35.12
C SER A 692 13.92 1.31 36.16
N ALA A 693 14.30 1.48 37.43
CA ALA A 693 13.31 1.47 38.50
C ALA A 693 12.31 2.61 38.36
N LEU A 694 12.79 3.80 38.00
CA LEU A 694 11.88 4.94 37.79
C LEU A 694 10.93 4.69 36.62
N VAL A 695 11.46 4.19 35.49
CA VAL A 695 10.62 3.95 34.32
C VAL A 695 9.61 2.85 34.62
N ALA A 696 10.03 1.82 35.36
CA ALA A 696 9.11 0.77 35.77
C ALA A 696 8.00 1.30 36.65
N ALA A 697 8.34 2.21 37.59
CA ALA A 697 7.30 2.80 38.43
C ALA A 697 6.31 3.61 37.59
N ARG A 698 6.83 4.40 36.66
CA ARG A 698 5.96 5.13 35.74
C ARG A 698 5.01 4.17 35.03
N MET A 699 5.55 3.11 34.43
CA MET A 699 4.71 2.17 33.69
C MET A 699 3.65 1.55 34.60
N ARG A 700 4.04 1.25 35.84
CA ARG A 700 3.09 0.72 36.80
C ARG A 700 2.01 1.73 37.17
N HIS A 701 2.22 3.02 36.88
CA HIS A 701 1.19 4.01 37.16
C HIS A 701 0.50 4.56 35.92
N ILE A 702 0.60 3.87 34.78
CA ILE A 702 -0.19 4.21 33.60
C ILE A 702 -1.46 3.38 33.63
N PRO A 703 -2.64 3.99 33.70
CA PRO A 703 -3.88 3.20 33.77
C PRO A 703 -4.07 2.33 32.53
N LEU A 704 -4.93 1.32 32.67
CA LEU A 704 -5.17 0.36 31.61
C LEU A 704 -6.24 0.80 30.62
N ALA A 705 -7.02 1.82 30.95
CA ALA A 705 -8.10 2.25 30.06
C ALA A 705 -7.53 2.69 28.72
N PRO A 706 -8.25 2.44 27.62
CA PRO A 706 -7.76 2.87 26.30
C PRO A 706 -7.42 4.36 26.27
N GLY A 707 -6.34 4.69 25.56
CA GLY A 707 -5.90 6.07 25.43
C GLY A 707 -5.02 6.56 26.57
N SER A 708 -4.60 5.69 27.47
CA SER A 708 -3.82 6.12 28.63
C SER A 708 -2.36 6.35 28.23
N ASP A 709 -1.78 7.44 28.74
CA ASP A 709 -0.36 7.71 28.50
C ASP A 709 0.17 8.58 29.64
N TRP A 710 1.33 9.21 29.42
CA TRP A 710 2.01 9.92 30.49
C TRP A 710 1.14 11.00 31.12
N ARG A 711 0.24 11.60 30.35
CA ARG A 711 -0.61 12.65 30.88
C ARG A 711 -1.55 12.16 31.98
N ASP A 712 -1.67 10.85 32.15
CA ASP A 712 -2.48 10.26 33.22
C ASP A 712 -1.67 9.91 34.47
N LEU A 713 -0.37 10.22 34.51
CA LEU A 713 0.45 9.84 35.65
C LEU A 713 0.08 10.66 36.89
N PRO A 714 0.19 10.06 38.08
CA PRO A 714 -0.03 10.83 39.32
C PRO A 714 1.21 11.62 39.71
N ASN A 715 0.96 12.74 40.39
CA ASN A 715 2.05 13.62 40.85
C ASN A 715 2.39 13.28 42.31
N ILE A 716 2.96 12.09 42.49
CA ILE A 716 3.26 11.56 43.80
C ILE A 716 4.73 11.15 43.88
N GLU A 717 5.22 11.05 45.12
CA GLU A 717 6.47 10.36 45.37
C GLU A 717 6.21 8.86 45.39
N VAL A 718 7.18 8.09 44.91
CA VAL A 718 7.04 6.63 44.85
C VAL A 718 8.37 6.00 45.27
N ARG A 719 8.33 5.10 46.25
CA ARG A 719 9.53 4.36 46.59
C ARG A 719 9.84 3.39 45.45
N LEU A 720 11.05 3.47 44.91
CA LEU A 720 11.44 2.67 43.77
C LEU A 720 12.05 1.36 44.23
N SER A 721 12.09 0.39 43.31
CA SER A 721 12.55 -0.95 43.63
C SER A 721 14.03 -1.00 44.00
N ASP A 722 14.77 0.08 43.82
CA ASP A 722 16.18 0.15 44.22
C ASP A 722 16.37 1.06 45.42
N GLY A 723 15.33 1.19 46.25
CA GLY A 723 15.39 2.00 47.45
C GLY A 723 15.29 3.50 47.23
N THR A 724 15.54 3.98 46.01
CA THR A 724 15.46 5.41 45.72
C THR A 724 14.00 5.85 45.62
N MET A 725 13.80 7.15 45.46
CA MET A 725 12.46 7.73 45.44
C MET A 725 12.22 8.46 44.13
N ALA A 726 10.94 8.50 43.75
CA ALA A 726 10.47 9.30 42.63
C ALA A 726 9.77 10.53 43.19
N ARG A 727 10.26 11.71 42.80
CA ARG A 727 9.87 12.97 43.41
C ARG A 727 8.59 13.51 42.77
N LYS A 728 7.91 14.37 43.52
CA LYS A 728 6.80 15.12 42.97
C LYS A 728 7.31 16.16 41.99
N LEU A 729 6.66 16.25 40.82
CA LEU A 729 6.87 17.37 39.93
C LEU A 729 6.10 18.57 40.46
N ARG A 730 6.78 19.71 40.54
CA ARG A 730 6.11 20.95 40.90
C ARG A 730 6.60 22.06 39.99
N TYR A 731 5.76 23.08 39.85
CA TYR A 731 5.91 24.05 38.78
C TYR A 731 6.93 25.12 39.15
N THR A 732 7.30 25.90 38.13
CA THR A 732 8.23 27.01 38.31
C THR A 732 7.83 28.29 37.61
N HIS A 733 6.98 28.25 36.58
CA HIS A 733 6.64 29.44 35.81
C HIS A 733 5.18 29.34 35.38
N HIS A 734 4.64 30.47 34.92
CA HIS A 734 3.22 30.59 34.58
C HIS A 734 3.04 30.45 33.07
N ASP A 735 2.39 29.37 32.65
CA ASP A 735 2.07 29.17 31.23
C ASP A 735 0.81 29.96 30.91
N ARG A 736 0.99 31.10 30.23
CA ARG A 736 -0.17 31.90 29.84
C ARG A 736 -1.00 31.19 28.77
N LYS A 737 -0.36 30.37 27.94
CA LYS A 737 -1.11 29.61 26.93
C LYS A 737 -2.04 28.61 27.61
N ASN A 738 -1.48 27.74 28.45
CA ASN A 738 -2.29 26.74 29.15
C ASN A 738 -2.95 27.28 30.40
N GLY A 739 -2.62 28.50 30.81
CA GLY A 739 -3.26 29.09 31.97
C GLY A 739 -2.75 28.47 33.27
N ARG A 740 -3.61 28.50 34.28
CA ARG A 740 -3.34 27.95 35.59
C ARG A 740 -4.23 26.73 35.82
N SER A 741 -4.08 26.13 37.00
CA SER A 741 -4.74 24.88 37.32
C SER A 741 -6.23 25.09 37.55
N SER A 742 -6.90 24.01 37.98
CA SER A 742 -8.27 24.14 38.44
C SER A 742 -8.34 25.01 39.69
N SER A 743 -7.30 25.00 40.51
CA SER A 743 -7.27 25.76 41.76
C SER A 743 -5.98 26.57 41.89
N GLY A 744 -5.51 27.14 40.78
CA GLY A 744 -4.52 28.19 40.83
C GLY A 744 -3.08 27.80 40.55
N ALA A 745 -2.75 26.51 40.58
CA ALA A 745 -1.37 26.10 40.39
C ALA A 745 -0.90 26.45 38.98
N LEU A 746 0.37 26.84 38.86
CA LEU A 746 0.94 27.10 37.55
C LEU A 746 1.16 25.80 36.81
N ARG A 747 0.88 25.80 35.51
CA ARG A 747 1.08 24.65 34.66
C ARG A 747 2.38 24.74 33.85
N GLY A 748 3.33 25.56 34.30
CA GLY A 748 4.62 25.69 33.63
C GLY A 748 5.76 25.23 34.51
N VAL A 749 6.88 24.82 33.90
CA VAL A 749 7.99 24.25 34.66
C VAL A 749 9.31 24.91 34.26
N CYS A 750 9.26 25.95 33.44
CA CYS A 750 10.51 26.45 32.88
C CYS A 750 10.39 27.91 32.46
N SER A 751 11.51 28.63 32.59
CA SER A 751 11.58 30.00 32.09
C SER A 751 11.28 30.05 30.59
N CYS A 752 11.48 28.92 29.89
CA CYS A 752 11.04 28.69 28.53
C CYS A 752 9.66 29.29 28.28
N VAL A 753 8.76 29.09 29.25
CA VAL A 753 7.37 29.52 29.11
C VAL A 753 7.27 30.98 28.72
N GLU A 754 8.21 31.82 29.16
CA GLU A 754 8.11 33.26 28.89
C GLU A 754 8.11 33.58 27.40
N ALA A 755 8.56 32.65 26.55
CA ALA A 755 8.58 32.84 25.10
C ALA A 755 9.39 34.09 24.73
N GLY A 756 10.70 33.99 24.97
CA GLY A 756 11.61 35.10 24.81
C GLY A 756 12.71 35.09 25.84
N LYS A 757 12.52 34.32 26.91
CA LYS A 757 13.58 34.05 27.86
C LYS A 757 14.31 32.76 27.48
N ALA A 758 15.41 32.49 28.17
CA ALA A 758 16.20 31.29 27.94
C ALA A 758 15.87 30.25 29.00
N CYS A 759 16.45 29.05 28.83
CA CYS A 759 16.27 27.98 29.80
C CYS A 759 17.13 28.27 31.04
N ASP A 760 16.47 28.46 32.19
CA ASP A 760 17.42 28.50 33.30
C ASP A 760 17.42 27.18 34.05
N PRO A 761 18.58 26.71 34.51
CA PRO A 761 18.66 25.37 35.10
C PRO A 761 17.89 25.22 36.42
N ALA A 762 17.47 26.32 37.04
CA ALA A 762 16.87 26.29 38.38
C ALA A 762 15.57 25.50 38.46
N ALA A 763 15.13 24.87 37.36
CA ALA A 763 13.93 24.04 37.38
C ALA A 763 14.14 22.75 36.60
N ARG A 764 15.39 22.25 36.56
CA ARG A 764 15.67 21.03 35.83
C ARG A 764 14.86 19.85 36.38
N GLN A 765 14.75 19.76 37.71
CA GLN A 765 13.74 18.93 38.39
C GLN A 765 13.83 17.46 37.98
N PHE A 766 14.94 16.84 38.41
CA PHE A 766 15.24 15.46 38.04
C PHE A 766 14.47 14.45 38.89
N ASN A 767 14.45 13.20 38.41
CA ASN A 767 13.93 12.04 39.15
C ASN A 767 12.47 12.21 39.55
N THR A 768 11.67 12.79 38.65
CA THR A 768 10.26 13.03 38.90
C THR A 768 9.43 11.94 38.23
N LEU A 769 8.35 11.52 38.88
CA LEU A 769 7.48 10.50 38.31
C LEU A 769 6.91 10.98 36.98
N ILE A 770 6.22 12.12 37.00
CA ILE A 770 5.86 12.79 35.76
C ILE A 770 7.15 13.35 35.18
N PRO A 771 7.60 12.86 34.02
CA PRO A 771 8.88 13.33 33.47
C PRO A 771 8.85 14.84 33.25
N TRP A 772 10.01 15.47 33.50
CA TRP A 772 10.08 16.93 33.45
C TRP A 772 10.05 17.44 32.01
N CYS A 773 10.80 16.80 31.11
CA CYS A 773 10.97 17.33 29.76
C CYS A 773 9.67 17.33 28.96
N LEU A 774 8.71 16.46 29.33
CA LEU A 774 7.46 16.42 28.56
C LEU A 774 6.60 17.66 28.78
N PRO A 775 6.34 18.11 30.02
CA PRO A 775 5.76 19.46 30.17
C PRO A 775 6.72 20.56 29.78
N HIS A 776 8.05 20.32 29.82
CA HIS A 776 8.98 21.36 29.41
C HIS A 776 8.74 21.79 27.97
N THR A 777 8.62 20.83 27.04
CA THR A 777 8.46 21.18 25.63
C THR A 777 7.14 20.67 25.03
N GLY A 778 6.13 20.41 25.86
CA GLY A 778 4.92 19.77 25.36
C GLY A 778 4.05 20.67 24.49
N ASN A 779 4.05 21.98 24.75
CA ASN A 779 3.18 22.87 24.00
C ASN A 779 3.52 22.91 22.52
N ARG A 780 4.74 22.52 22.14
CA ARG A 780 5.16 22.51 20.75
C ARG A 780 5.31 21.10 20.19
N HIS A 781 4.81 20.09 20.90
CA HIS A 781 4.91 18.71 20.44
C HIS A 781 3.61 17.96 20.70
N ASN A 782 2.48 18.65 20.53
CA ASN A 782 1.14 18.08 20.70
C ASN A 782 1.04 17.28 22.00
N HIS A 783 1.42 17.93 23.10
CA HIS A 783 1.32 17.40 24.45
C HIS A 783 2.01 16.04 24.59
N TRP A 784 2.94 15.76 23.68
CA TRP A 784 3.66 14.50 23.64
C TRP A 784 2.70 13.32 23.75
N ALA A 785 1.60 13.40 22.99
CA ALA A 785 0.60 12.34 23.03
C ALA A 785 1.21 10.99 22.68
N GLY A 786 0.87 9.97 23.48
CA GLY A 786 1.30 8.62 23.21
C GLY A 786 2.55 8.19 23.96
N LEU A 787 3.31 9.12 24.52
CA LEU A 787 4.49 8.74 25.28
C LEU A 787 4.07 8.09 26.59
N TYR A 788 4.80 7.05 27.00
CA TYR A 788 4.36 6.13 28.05
C TYR A 788 2.93 5.66 27.80
N GLY A 789 2.57 5.53 26.53
CA GLY A 789 1.22 5.17 26.16
C GLY A 789 1.02 3.66 26.12
N ARG A 790 -0.17 3.23 26.51
CA ARG A 790 -0.53 1.82 26.50
C ARG A 790 -1.23 1.43 25.21
N LEU A 791 -0.84 0.30 24.65
CA LEU A 791 -1.64 -0.33 23.60
C LEU A 791 -3.01 -0.71 24.15
N GLU A 792 -4.01 -0.77 23.28
CA GLU A 792 -5.32 -1.23 23.68
C GLU A 792 -5.68 -2.49 22.89
N TRP A 793 -6.38 -3.42 23.55
CA TRP A 793 -6.61 -4.73 22.97
C TRP A 793 -7.39 -4.63 21.65
N ASP A 794 -8.36 -3.73 21.58
CA ASP A 794 -9.15 -3.57 20.37
C ASP A 794 -8.48 -2.71 19.31
N GLY A 795 -7.32 -2.12 19.60
CA GLY A 795 -6.68 -1.18 18.71
C GLY A 795 -5.55 -1.79 17.91
N PHE A 796 -4.59 -0.95 17.52
CA PHE A 796 -3.45 -1.43 16.74
C PHE A 796 -2.17 -0.81 17.28
N PHE A 797 -1.04 -1.42 16.90
CA PHE A 797 0.27 -0.86 17.21
C PHE A 797 0.51 0.41 16.43
N SER A 798 1.17 1.38 17.07
CA SER A 798 1.84 2.41 16.30
C SER A 798 3.00 1.77 15.55
N THR A 799 3.61 2.52 14.63
CA THR A 799 4.69 1.94 13.82
C THR A 799 5.73 1.27 14.71
N THR A 800 6.03 0.01 14.39
CA THR A 800 6.95 -0.78 15.21
C THR A 800 8.38 -0.30 14.96
N VAL A 801 9.06 0.10 16.02
CA VAL A 801 10.33 0.81 15.89
C VAL A 801 11.48 -0.15 16.23
N THR A 802 12.70 0.31 15.99
CA THR A 802 13.87 -0.52 16.20
C THR A 802 14.26 -0.62 17.67
N ASN A 803 13.81 0.31 18.52
CA ASN A 803 14.19 0.31 19.93
C ASN A 803 13.06 0.92 20.75
N PRO A 804 12.12 0.09 21.22
CA PRO A 804 10.95 0.61 21.92
C PRO A 804 11.29 1.32 23.22
N GLU A 805 11.04 2.63 23.25
CA GLU A 805 11.31 3.46 24.42
C GLU A 805 10.05 4.28 24.72
N PRO A 806 9.58 4.28 25.97
CA PRO A 806 8.36 5.03 26.30
C PRO A 806 8.47 6.54 26.11
N MET A 807 9.68 7.12 26.14
CA MET A 807 9.84 8.56 25.94
C MET A 807 10.33 8.92 24.54
N GLY A 808 10.29 7.97 23.61
CA GLY A 808 10.53 8.30 22.21
C GLY A 808 9.26 8.76 21.52
N LYS A 809 9.42 9.25 20.28
CA LYS A 809 8.27 9.76 19.54
CA LYS A 809 8.27 9.76 19.54
C LYS A 809 7.19 8.69 19.41
N GLN A 810 7.58 7.47 19.03
CA GLN A 810 6.63 6.35 18.99
C GLN A 810 6.64 5.68 20.36
N GLY A 811 6.18 6.43 21.36
CA GLY A 811 6.26 6.03 22.75
C GLY A 811 5.15 5.14 23.26
N ARG A 812 4.18 4.79 22.40
CA ARG A 812 3.04 3.96 22.82
C ARG A 812 3.46 2.49 22.77
N VAL A 813 4.36 2.12 23.69
CA VAL A 813 5.00 0.82 23.66
C VAL A 813 4.70 -0.01 24.90
N LEU A 814 3.78 0.44 25.75
CA LEU A 814 3.43 -0.34 26.92
C LEU A 814 2.41 -1.42 26.57
N HIS A 815 2.55 -2.58 27.20
CA HIS A 815 1.60 -3.67 27.06
C HIS A 815 0.21 -3.22 27.53
N PRO A 816 -0.87 -3.77 26.96
CA PRO A 816 -2.21 -3.34 27.38
C PRO A 816 -2.51 -3.55 28.85
N GLU A 817 -1.90 -4.55 29.47
CA GLU A 817 -2.18 -4.81 30.89
C GLU A 817 -0.93 -4.97 31.74
N GLN A 818 0.13 -5.55 31.21
CA GLN A 818 1.32 -5.79 31.99
C GLN A 818 2.18 -4.53 32.04
N HIS A 819 2.92 -4.37 33.14
CA HIS A 819 3.65 -3.12 33.39
C HIS A 819 5.07 -3.23 32.84
N ARG A 820 5.14 -3.16 31.51
CA ARG A 820 6.37 -3.43 30.79
C ARG A 820 6.23 -2.91 29.36
N VAL A 821 7.35 -2.85 28.69
CA VAL A 821 7.38 -2.60 27.24
C VAL A 821 7.05 -3.89 26.50
N VAL A 822 6.50 -3.75 25.29
CA VAL A 822 6.22 -4.93 24.47
C VAL A 822 7.51 -5.71 24.24
N SER A 823 7.36 -7.03 24.13
CA SER A 823 8.48 -7.94 23.98
C SER A 823 8.94 -8.01 22.52
N VAL A 824 10.10 -8.63 22.32
CA VAL A 824 10.58 -8.87 20.96
C VAL A 824 9.56 -9.69 20.17
N ARG A 825 9.01 -10.73 20.80
CA ARG A 825 8.01 -11.55 20.14
C ARG A 825 6.77 -10.74 19.78
N GLU A 826 6.33 -9.85 20.68
CA GLU A 826 5.14 -9.05 20.39
C GLU A 826 5.40 -8.09 19.24
N CYS A 827 6.62 -7.53 19.16
CA CYS A 827 6.94 -6.67 18.02
C CYS A 827 6.98 -7.48 16.72
N ALA A 828 7.54 -8.69 16.78
CA ALA A 828 7.54 -9.58 15.62
C ALA A 828 6.12 -9.90 15.17
N ARG A 829 5.23 -10.17 16.14
CA ARG A 829 3.83 -10.43 15.82
C ARG A 829 3.18 -9.22 15.17
N SER A 830 3.50 -8.02 15.66
CA SER A 830 2.96 -6.79 15.09
C SER A 830 3.40 -6.61 13.64
N GLN A 831 4.57 -7.15 13.29
CA GLN A 831 5.06 -7.12 11.92
C GLN A 831 4.63 -8.32 11.10
N GLY A 832 3.90 -9.26 11.68
CA GLY A 832 3.48 -10.43 10.91
C GLY A 832 4.55 -11.46 10.64
N PHE A 833 5.60 -11.51 11.46
CA PHE A 833 6.59 -12.57 11.34
C PHE A 833 6.02 -13.88 11.89
N PRO A 834 6.26 -15.00 11.21
CA PRO A 834 5.95 -16.30 11.82
C PRO A 834 6.74 -16.44 13.11
N ASP A 835 6.15 -17.15 14.07
CA ASP A 835 6.86 -17.38 15.33
C ASP A 835 8.15 -18.16 15.13
N THR A 836 8.25 -18.91 14.02
CA THR A 836 9.43 -19.71 13.75
C THR A 836 10.55 -18.90 13.12
N TYR A 837 10.31 -17.65 12.79
CA TYR A 837 11.32 -16.85 12.11
C TYR A 837 12.44 -16.47 13.07
N ARG A 838 13.66 -16.87 12.74
CA ARG A 838 14.79 -16.75 13.66
C ARG A 838 15.38 -15.34 13.62
N LEU A 839 15.75 -14.84 14.79
CA LEU A 839 16.45 -13.58 14.95
C LEU A 839 17.83 -13.86 15.55
N PHE A 840 18.66 -12.84 15.66
CA PHE A 840 20.03 -13.07 16.10
C PHE A 840 20.56 -11.90 16.93
N GLY A 841 21.21 -12.22 18.05
CA GLY A 841 21.94 -11.25 18.83
C GLY A 841 21.31 -10.99 20.17
N ASN A 842 21.71 -9.86 20.77
CA ASN A 842 21.12 -9.46 22.03
C ASN A 842 19.73 -8.88 21.80
N ILE A 843 19.07 -8.47 22.88
CA ILE A 843 17.67 -8.06 22.76
C ILE A 843 17.54 -6.82 21.89
N LEU A 844 18.49 -5.90 21.99
CA LEU A 844 18.43 -4.69 21.16
C LEU A 844 18.69 -5.02 19.68
N ASP A 845 19.62 -5.94 19.41
CA ASP A 845 19.80 -6.42 18.05
C ASP A 845 18.50 -6.97 17.48
N LYS A 846 17.81 -7.80 18.28
CA LYS A 846 16.59 -8.44 17.79
C LYS A 846 15.48 -7.43 17.58
N HIS A 847 15.33 -6.47 18.50
CA HIS A 847 14.33 -5.40 18.30
C HIS A 847 14.61 -4.63 17.02
N ARG A 848 15.88 -4.32 16.74
CA ARG A 848 16.22 -3.57 15.54
C ARG A 848 15.91 -4.37 14.28
N GLN A 849 16.26 -5.66 14.28
CA GLN A 849 15.94 -6.52 13.14
C GLN A 849 14.44 -6.53 12.88
N VAL A 850 13.63 -6.64 13.95
CA VAL A 850 12.18 -6.66 13.76
C VAL A 850 11.68 -5.30 13.25
N GLY A 851 12.16 -4.21 13.85
CA GLY A 851 11.63 -2.89 13.54
C GLY A 851 12.03 -2.34 12.18
N ASN A 852 13.16 -2.81 11.64
CA ASN A 852 13.60 -2.39 10.31
C ASN A 852 12.96 -3.18 9.17
N ALA A 853 12.21 -4.24 9.46
CA ALA A 853 11.76 -5.15 8.41
C ALA A 853 10.52 -4.64 7.70
N VAL A 854 10.37 -5.06 6.44
CA VAL A 854 9.05 -5.01 5.79
C VAL A 854 8.18 -6.11 6.38
N PRO A 855 6.94 -5.83 6.77
CA PRO A 855 6.05 -6.90 7.25
C PRO A 855 5.81 -7.94 6.16
N PRO A 856 6.06 -9.20 6.47
CA PRO A 856 5.87 -10.27 5.48
C PRO A 856 4.49 -10.25 4.86
N PRO A 857 3.40 -9.94 5.58
CA PRO A 857 2.09 -9.91 4.89
C PRO A 857 1.99 -8.86 3.80
N LEU A 858 2.62 -7.70 4.00
CA LEU A 858 2.65 -6.67 2.97
C LEU A 858 3.48 -7.14 1.78
N ALA A 859 4.65 -7.71 2.08
CA ALA A 859 5.51 -8.23 1.01
C ALA A 859 4.81 -9.34 0.23
N LYS A 860 4.06 -10.21 0.91
CA LYS A 860 3.33 -11.28 0.24
C LYS A 860 2.26 -10.72 -0.69
N ALA A 861 1.51 -9.72 -0.23
CA ALA A 861 0.50 -9.11 -1.11
C ALA A 861 1.15 -8.56 -2.41
N ILE A 862 2.26 -7.84 -2.26
CA ILE A 862 2.96 -7.32 -3.44
C ILE A 862 3.42 -8.48 -4.34
N GLY A 863 4.00 -9.51 -3.72
CA GLY A 863 4.50 -10.63 -4.49
C GLY A 863 3.41 -11.34 -5.27
N LEU A 864 2.21 -11.43 -4.71
CA LEU A 864 1.12 -12.07 -5.44
C LEU A 864 0.71 -11.25 -6.66
N GLU A 865 0.84 -9.92 -6.58
CA GLU A 865 0.63 -9.14 -7.81
C GLU A 865 1.70 -9.48 -8.87
N ILE A 866 2.95 -9.61 -8.43
CA ILE A 866 4.01 -10.00 -9.37
C ILE A 866 3.72 -11.38 -9.96
N LYS A 867 3.20 -12.30 -9.13
CA LYS A 867 2.87 -13.63 -9.63
C LYS A 867 1.82 -13.57 -10.71
N LEU A 868 0.81 -12.70 -10.55
CA LEU A 868 -0.17 -12.52 -11.61
C LEU A 868 0.51 -12.13 -12.92
N CYS A 869 1.51 -11.24 -12.84
CA CYS A 869 2.24 -10.85 -14.06
C CYS A 869 3.04 -12.00 -14.66
N MET A 870 3.72 -12.78 -13.82
CA MET A 870 4.44 -13.95 -14.32
C MET A 870 3.50 -14.89 -15.07
N LEU A 871 2.31 -15.11 -14.52
CA LEU A 871 1.37 -16.02 -15.17
C LEU A 871 0.79 -15.41 -16.45
N ALA A 872 0.61 -14.09 -16.48
CA ALA A 872 0.02 -13.46 -17.65
C ALA A 872 1.02 -13.17 -18.76
N LYS A 873 2.32 -13.34 -18.53
CA LYS A 873 3.31 -13.01 -19.55
C LYS A 873 3.02 -13.74 -20.86
N ALA A 874 2.88 -12.97 -21.94
CA ALA A 874 2.63 -13.53 -23.26
C ALA A 874 3.84 -14.31 -23.78
N1 5CM B 6 13.35 15.75 22.00
C2 5CM B 6 13.70 14.60 21.14
N3 5CM B 6 13.22 13.33 21.37
C4 5CM B 6 12.36 13.14 22.43
C5 5CM B 6 11.97 14.21 23.28
C5A 5CM B 6 11.03 13.98 24.45
C6 5CM B 6 12.46 15.49 23.06
O2 5CM B 6 14.43 14.78 20.25
N4 5CM B 6 11.89 11.91 22.65
C1' 5CM B 6 13.84 17.13 21.77
C2' 5CM B 6 12.75 18.15 22.05
C3' 5CM B 6 13.58 19.43 22.03
C4' 5CM B 6 14.99 19.01 22.49
O4' 5CM B 6 14.96 17.56 22.51
O3' 5CM B 6 13.63 19.88 20.68
C5' 5CM B 6 15.30 19.55 23.86
O5' 5CM B 6 14.14 19.49 24.66
P 5CM B 6 14.41 19.57 26.31
OP1 5CM B 6 14.94 20.90 26.70
OP2 5CM B 6 13.13 19.23 27.10
P PYO C 6 7.27 8.94 7.06
OP1 PYO C 6 7.28 8.99 5.55
OP2 PYO C 6 6.43 7.90 7.77
O5' PYO C 6 8.77 8.75 7.52
C5' PYO C 6 9.07 8.75 8.90
C4' PYO C 6 10.37 9.45 9.20
O4' PYO C 6 10.13 10.87 9.42
C3' PYO C 6 11.03 8.99 10.48
C1' PYO C 6 11.08 11.37 10.34
O3' PYO C 6 11.76 7.80 10.29
C2' PYO C 6 11.88 10.18 10.89
O2' PYO C 6 13.13 10.12 10.26
N1 PYO C 6 10.36 12.10 11.40
C6 PYO C 6 9.39 11.49 12.07
C2 PYO C 6 10.74 13.48 11.72
C5 PYO C 6 8.73 12.18 13.07
O2 PYO C 6 11.62 14.00 11.11
N3 PYO C 6 10.09 14.18 12.71
C4 PYO C 6 9.11 13.49 13.35
ZN ZN D . 13.50 25.61 28.98
ZN ZN E . -9.29 8.91 -31.15
C1 EDO F . -0.46 -12.93 8.44
O1 EDO F . -0.87 -14.29 8.63
C2 EDO F . -1.52 -12.16 7.66
O2 EDO F . -2.60 -11.70 8.50
C1 EDO G . 10.38 20.75 44.36
O1 EDO G . 9.27 19.98 44.86
C2 EDO G . 9.91 21.63 43.20
O2 EDO G . 11.01 22.43 42.74
C1 EDO H . 22.25 -0.99 6.27
O1 EDO H . 22.09 -2.07 7.19
C2 EDO H . 21.09 -1.01 5.30
O2 EDO H . 20.77 -2.38 5.01
C1 EDO I . -10.19 2.76 4.58
O1 EDO I . -10.50 3.01 5.95
C2 EDO I . -10.84 1.43 4.20
O2 EDO I . -10.49 0.47 5.21
C1 EDO J . -7.21 -9.86 25.77
O1 EDO J . -6.96 -11.25 25.98
C2 EDO J . -8.63 -9.51 26.18
O2 EDO J . -9.57 -10.01 25.22
C1 EDO K . -1.84 -10.56 28.07
O1 EDO K . -2.28 -10.14 29.37
C2 EDO K . -2.29 -11.98 27.76
O2 EDO K . -1.54 -12.90 28.57
C1 EDO L . 25.74 -5.07 17.67
O1 EDO L . 25.05 -5.56 18.82
C2 EDO L . 25.08 -3.78 17.19
O2 EDO L . 25.84 -3.22 16.11
C1 EDO M . -11.31 -4.89 -6.42
O1 EDO M . -10.49 -4.97 -7.59
C2 EDO M . -12.14 -6.15 -6.29
O2 EDO M . -12.96 -6.03 -5.11
C1 EDO N . 14.65 9.82 -19.32
O1 EDO N . 14.46 8.87 -20.38
C2 EDO N . 13.32 10.46 -18.96
O2 EDO N . 12.67 10.96 -20.14
C1 EDO O . 15.74 -19.12 -16.68
O1 EDO O . 15.34 -18.98 -15.31
C2 EDO O . 16.24 -17.77 -17.21
O2 EDO O . 17.54 -17.52 -16.66
C1 EDO P . -1.38 15.12 -23.98
O1 EDO P . -0.81 16.25 -23.30
C2 EDO P . -2.90 15.23 -23.96
O2 EDO P . -3.29 16.54 -24.38
C1 EDO Q . -9.66 5.12 -7.47
O1 EDO Q . -10.68 4.11 -7.42
C2 EDO Q . -8.60 4.69 -8.48
O2 EDO Q . -9.19 4.65 -9.79
C1 EDO R . 22.45 7.61 1.37
O1 EDO R . 21.80 6.56 0.67
C2 EDO R . 22.80 7.16 2.78
O2 EDO R . 21.60 6.93 3.54
C1 EDO S . -6.10 0.16 -13.87
O1 EDO S . -6.59 -0.96 -13.13
C2 EDO S . -4.59 0.30 -13.69
O2 EDO S . -3.91 -0.50 -14.66
C1 EDO T . -8.26 -16.14 3.66
O1 EDO T . -8.36 -17.04 2.55
C2 EDO T . -7.69 -16.88 4.87
O2 EDO T . -6.43 -17.47 4.52
C1 EDO U . 18.90 18.53 3.83
O1 EDO U . 18.96 18.76 5.24
C2 EDO U . 18.01 17.34 3.55
O2 EDO U . 18.42 16.23 4.37
C1 EDO V . 17.70 -2.42 27.17
O1 EDO V . 17.43 -1.56 28.28
C2 EDO V . 18.41 -3.69 27.63
O2 EDO V . 17.58 -4.44 28.54
C01 X52 W . 9.56 14.20 17.57
C02 X52 W . 10.92 13.56 17.80
C03 X52 W . 12.01 13.96 16.81
C04 X52 W . 12.79 15.07 17.06
C05 X52 W . 12.52 15.85 18.25
C07 X52 W . 13.81 15.39 16.12
C09 X52 W . 15.43 16.98 15.04
C10 X52 W . 16.81 16.34 14.91
C12 X52 W . 18.45 18.02 15.35
C13 X52 W . 15.02 17.27 17.46
C15 X52 W . 13.27 13.60 14.81
C17 X52 W . 14.73 13.53 12.41
C18 X52 W . 15.03 12.67 11.17
C19 X52 W . 14.42 12.94 9.93
C20 X52 W . 14.70 12.16 8.82
C21 X52 W . 15.56 11.07 8.92
C24 X52 W . 15.37 8.53 5.68
C27 X52 W . 17.23 10.10 7.31
C28 X52 W . 16.16 10.79 10.15
C29 X52 W . 15.89 11.58 11.26
C30 X52 W . 12.26 13.21 15.69
C31 X52 W . 11.48 12.04 15.40
N06 X52 W . 12.29 16.44 19.19
N08 X52 W . 14.73 16.54 16.24
N11 X52 W . 17.74 16.87 15.90
N14 X52 W . 14.04 14.65 15.01
N22 X52 W . 15.85 10.21 7.77
N32 X52 W . 10.88 11.13 15.15
O25 X52 W . 13.69 10.28 6.56
O26 X52 W . 14.21 8.36 7.99
S16 X52 W . 13.52 12.57 13.39
S23 X52 W . 14.64 9.34 7.05
#